data_1X32
#
_entry.id   1X32
#
_entity_poly.entity_id   1
_entity_poly.type   'polypeptide(L)'
_entity_poly.pdbx_seq_one_letter_code
;GSGEVNKIIGSRTAGEGAMEYLIEWKDGHSPSWVPSSYIAADVVSEY
;
_entity_poly.pdbx_strand_id   A
#
# COMPACT_ATOMS: atom_id res chain seq x y z
N GLY A 1 11.58 3.53 -7.89
CA GLY A 1 11.10 2.60 -8.97
C GLY A 1 9.64 2.24 -8.81
N SER A 2 8.76 3.09 -9.33
CA SER A 2 7.33 2.84 -9.25
C SER A 2 6.89 2.67 -7.80
N GLY A 3 7.22 3.65 -6.96
CA GLY A 3 6.86 3.59 -5.56
C GLY A 3 7.16 4.89 -4.84
N GLU A 4 6.31 5.24 -3.88
CA GLU A 4 6.48 6.45 -3.10
C GLU A 4 6.43 7.71 -4.00
N VAL A 5 5.96 7.54 -5.23
CA VAL A 5 5.86 8.67 -6.17
C VAL A 5 4.63 9.52 -5.88
N ASN A 6 3.51 8.84 -5.62
CA ASN A 6 2.23 9.49 -5.31
C ASN A 6 1.48 9.94 -6.57
N LYS A 7 1.44 9.05 -7.57
CA LYS A 7 0.76 9.32 -8.81
C LYS A 7 -0.33 8.26 -9.00
N ILE A 8 -0.56 7.82 -10.23
CA ILE A 8 -1.54 6.79 -10.51
C ILE A 8 -1.43 5.64 -9.52
N ILE A 9 -2.55 5.10 -9.07
CA ILE A 9 -2.49 4.00 -8.12
C ILE A 9 -3.43 2.83 -8.44
N GLY A 10 -2.84 1.64 -8.45
CA GLY A 10 -3.59 0.42 -8.62
C GLY A 10 -3.71 -0.22 -7.26
N SER A 11 -4.82 -0.86 -6.95
CA SER A 11 -4.98 -1.38 -5.61
C SER A 11 -5.89 -2.62 -5.54
N ARG A 12 -5.29 -3.78 -5.37
CA ARG A 12 -6.03 -5.02 -5.23
C ARG A 12 -5.21 -6.08 -4.50
N THR A 13 -5.49 -6.32 -3.22
CA THR A 13 -4.72 -7.33 -2.49
C THR A 13 -5.57 -8.51 -2.02
N ALA A 14 -6.29 -8.35 -0.91
CA ALA A 14 -7.10 -9.45 -0.38
C ALA A 14 -8.32 -8.96 0.37
N GLY A 15 -8.10 -8.17 1.42
CA GLY A 15 -9.20 -7.66 2.21
C GLY A 15 -9.08 -8.08 3.66
N GLU A 16 -8.61 -9.29 3.88
CA GLU A 16 -8.42 -9.81 5.22
C GLU A 16 -7.47 -8.90 6.00
N GLY A 17 -6.55 -8.31 5.26
CA GLY A 17 -5.59 -7.39 5.84
C GLY A 17 -5.22 -6.30 4.85
N ALA A 18 -4.70 -6.71 3.71
CA ALA A 18 -4.32 -5.80 2.65
C ALA A 18 -5.31 -5.86 1.50
N MET A 19 -5.46 -4.75 0.77
CA MET A 19 -6.39 -4.74 -0.36
C MET A 19 -6.19 -3.55 -1.29
N GLU A 20 -4.98 -3.02 -1.31
CA GLU A 20 -4.65 -1.89 -2.17
C GLU A 20 -3.21 -2.02 -2.62
N TYR A 21 -2.63 -1.02 -3.28
CA TYR A 21 -1.26 -1.22 -3.73
C TYR A 21 -0.40 0.00 -3.94
N LEU A 22 -0.86 0.91 -4.72
CA LEU A 22 0.00 2.03 -5.07
C LEU A 22 -0.04 3.23 -4.14
N ILE A 23 1.11 3.90 -4.16
CA ILE A 23 1.42 5.09 -3.36
C ILE A 23 0.24 5.67 -2.60
N GLU A 24 -0.17 6.91 -2.90
CA GLU A 24 -1.27 7.52 -2.16
C GLU A 24 -1.05 7.38 -0.66
N TRP A 25 0.21 7.20 -0.25
CA TRP A 25 0.51 7.04 1.17
C TRP A 25 1.85 7.65 1.58
N LYS A 26 2.23 8.74 0.91
CA LYS A 26 3.48 9.46 1.21
C LYS A 26 4.59 8.55 1.70
N ASP A 27 4.62 7.33 1.16
CA ASP A 27 5.62 6.35 1.54
C ASP A 27 5.80 6.25 3.06
N GLY A 28 4.69 6.15 3.79
CA GLY A 28 4.78 6.03 5.24
C GLY A 28 5.69 4.90 5.65
N HIS A 29 5.40 3.70 5.17
CA HIS A 29 6.23 2.54 5.46
C HIS A 29 6.54 1.80 4.18
N SER A 30 7.69 2.11 3.58
CA SER A 30 8.13 1.46 2.35
C SER A 30 6.99 1.22 1.35
N PRO A 31 6.90 1.98 0.22
CA PRO A 31 5.87 1.74 -0.82
C PRO A 31 5.56 0.26 -0.91
N SER A 32 4.30 -0.12 -0.88
CA SER A 32 3.96 -1.53 -0.84
C SER A 32 2.64 -1.87 -1.49
N TRP A 33 2.47 -3.11 -1.92
CA TRP A 33 1.18 -3.49 -2.45
C TRP A 33 0.39 -3.90 -1.23
N VAL A 34 -0.32 -2.92 -0.69
CA VAL A 34 -1.05 -3.11 0.55
C VAL A 34 -2.24 -2.13 0.65
N PRO A 35 -3.02 -2.12 1.77
CA PRO A 35 -4.24 -1.31 1.92
C PRO A 35 -4.05 0.11 2.42
N SER A 36 -4.15 1.07 1.51
CA SER A 36 -4.04 2.50 1.85
C SER A 36 -2.95 2.73 2.87
N SER A 37 -1.95 1.87 2.85
CA SER A 37 -0.84 1.96 3.77
C SER A 37 0.30 1.06 3.30
N TYR A 38 0.85 0.26 4.21
CA TYR A 38 1.99 -0.62 3.93
C TYR A 38 2.12 -1.49 5.16
N ILE A 39 1.57 -2.68 5.04
CA ILE A 39 1.49 -3.58 6.17
C ILE A 39 2.30 -4.85 5.93
N ALA A 40 3.44 -4.67 5.31
CA ALA A 40 4.29 -5.79 5.01
C ALA A 40 4.92 -6.35 6.28
N ALA A 41 4.20 -7.32 6.89
CA ALA A 41 4.63 -7.99 8.13
C ALA A 41 3.42 -8.50 8.90
N ASP A 42 2.45 -9.07 8.19
CA ASP A 42 1.24 -9.59 8.82
C ASP A 42 0.55 -8.50 9.65
N VAL A 43 -0.32 -7.74 9.00
CA VAL A 43 -1.04 -6.65 9.68
C VAL A 43 -2.15 -6.12 8.77
N VAL A 44 -3.04 -5.27 9.27
CA VAL A 44 -4.14 -4.76 8.45
C VAL A 44 -4.27 -3.23 8.45
N SER A 45 -4.42 -2.67 7.25
CA SER A 45 -4.63 -1.24 7.03
C SER A 45 -3.49 -0.35 7.52
N GLU A 46 -2.37 -0.94 7.93
CA GLU A 46 -1.25 -0.13 8.40
C GLU A 46 -0.07 -0.98 8.88
N TYR A 47 0.92 -0.31 9.45
CA TYR A 47 2.11 -0.98 9.97
C TYR A 47 2.72 -0.16 11.11
N GLY A 1 12.05 4.77 -10.21
CA GLY A 1 11.71 4.17 -8.89
C GLY A 1 10.37 3.48 -8.89
N SER A 2 9.34 4.21 -9.30
CA SER A 2 7.98 3.66 -9.35
C SER A 2 7.49 3.30 -7.95
N GLY A 3 7.71 4.20 -7.00
CA GLY A 3 7.29 3.95 -5.63
C GLY A 3 7.39 5.19 -4.76
N GLU A 4 6.47 5.30 -3.80
CA GLU A 4 6.46 6.46 -2.90
C GLU A 4 6.34 7.79 -3.67
N VAL A 5 5.99 7.72 -4.94
CA VAL A 5 5.84 8.90 -5.78
C VAL A 5 4.43 9.47 -5.75
N ASN A 6 3.52 8.78 -5.05
CA ASN A 6 2.13 9.18 -4.98
C ASN A 6 1.63 9.71 -6.33
N LYS A 7 1.46 8.79 -7.28
CA LYS A 7 1.02 9.14 -8.62
C LYS A 7 0.26 7.95 -9.22
N ILE A 8 0.43 7.70 -10.51
CA ILE A 8 -0.23 6.61 -11.20
C ILE A 8 0.06 5.27 -10.52
N ILE A 9 -0.93 4.74 -9.82
CA ILE A 9 -0.77 3.48 -9.12
C ILE A 9 -2.13 2.77 -8.96
N GLY A 10 -2.13 1.52 -8.49
CA GLY A 10 -3.35 0.74 -8.40
C GLY A 10 -3.53 0.13 -7.03
N SER A 11 -4.71 -0.43 -6.75
CA SER A 11 -4.94 -0.99 -5.44
C SER A 11 -5.94 -2.14 -5.45
N ARG A 12 -5.42 -3.37 -5.33
CA ARG A 12 -6.29 -4.56 -5.27
C ARG A 12 -5.58 -5.75 -4.65
N THR A 13 -5.82 -6.07 -3.38
CA THR A 13 -5.16 -7.24 -2.77
C THR A 13 -6.13 -8.36 -2.37
N ALA A 14 -6.71 -8.29 -1.17
CA ALA A 14 -7.61 -9.35 -0.71
C ALA A 14 -8.75 -8.82 0.15
N GLY A 15 -8.41 -8.05 1.18
CA GLY A 15 -9.41 -7.50 2.05
C GLY A 15 -9.29 -8.01 3.47
N GLU A 16 -8.90 -9.28 3.59
CA GLU A 16 -8.72 -9.90 4.90
C GLU A 16 -7.67 -9.13 5.71
N GLY A 17 -6.60 -8.76 5.03
CA GLY A 17 -5.53 -8.01 5.66
C GLY A 17 -5.05 -6.86 4.79
N ALA A 18 -4.95 -7.12 3.50
CA ALA A 18 -4.52 -6.12 2.53
C ALA A 18 -5.49 -6.08 1.37
N MET A 19 -5.65 -4.93 0.73
CA MET A 19 -6.59 -4.83 -0.38
C MET A 19 -6.35 -3.60 -1.25
N GLU A 20 -5.13 -3.10 -1.25
CA GLU A 20 -4.79 -1.95 -2.06
C GLU A 20 -3.32 -2.03 -2.44
N TYR A 21 -2.83 -1.07 -3.20
CA TYR A 21 -1.43 -1.08 -3.62
C TYR A 21 -0.89 0.30 -4.01
N LEU A 22 -1.64 1.34 -3.76
CA LEU A 22 -1.21 2.62 -4.18
C LEU A 22 -0.24 3.34 -3.29
N ILE A 23 0.80 3.78 -3.98
CA ILE A 23 1.91 4.54 -3.49
C ILE A 23 1.49 5.98 -3.16
N GLU A 24 0.17 6.24 -3.20
CA GLU A 24 -0.37 7.52 -2.86
C GLU A 24 -0.42 7.73 -1.34
N TRP A 25 0.22 6.83 -0.58
CA TRP A 25 0.26 6.93 0.87
C TRP A 25 1.43 7.82 1.34
N LYS A 26 1.76 8.84 0.53
CA LYS A 26 2.83 9.76 0.87
C LYS A 26 4.09 9.03 1.31
N ASP A 27 4.37 7.88 0.68
CA ASP A 27 5.55 7.13 1.05
C ASP A 27 5.51 6.78 2.53
N GLY A 28 4.30 6.78 3.10
CA GLY A 28 4.14 6.47 4.51
C GLY A 28 5.00 5.28 4.90
N HIS A 29 4.69 4.12 4.34
CA HIS A 29 5.45 2.94 4.60
C HIS A 29 5.72 2.21 3.29
N SER A 30 6.91 2.42 2.76
CA SER A 30 7.39 1.75 1.54
C SER A 30 6.34 1.40 0.47
N PRO A 31 6.42 1.97 -0.77
CA PRO A 31 5.56 1.58 -1.92
C PRO A 31 5.23 0.11 -1.79
N SER A 32 3.95 -0.19 -1.67
CA SER A 32 3.57 -1.56 -1.38
C SER A 32 2.22 -1.94 -1.89
N TRP A 33 2.03 -3.21 -2.13
CA TRP A 33 0.72 -3.66 -2.53
C TRP A 33 0.04 -4.02 -1.24
N VAL A 34 -0.65 -3.04 -0.68
CA VAL A 34 -1.27 -3.18 0.62
C VAL A 34 -2.44 -2.17 0.78
N PRO A 35 -3.23 -2.26 1.89
CA PRO A 35 -4.41 -1.40 2.10
C PRO A 35 -4.18 -0.10 2.87
N SER A 36 -4.52 1.00 2.23
CA SER A 36 -4.49 2.33 2.83
C SER A 36 -3.11 2.95 2.88
N SER A 37 -2.15 2.23 3.40
CA SER A 37 -0.79 2.74 3.49
C SER A 37 0.24 1.65 3.27
N TYR A 38 0.27 0.70 4.17
CA TYR A 38 1.23 -0.39 4.07
C TYR A 38 1.06 -1.30 5.25
N ILE A 39 1.18 -2.60 5.04
CA ILE A 39 1.03 -3.55 6.13
C ILE A 39 1.64 -4.88 5.72
N ALA A 40 2.68 -4.78 4.88
CA ALA A 40 3.34 -5.97 4.40
C ALA A 40 4.05 -6.69 5.55
N ALA A 41 3.32 -7.60 6.18
CA ALA A 41 3.83 -8.39 7.31
C ALA A 41 2.67 -8.90 8.18
N ASP A 42 1.59 -9.34 7.53
CA ASP A 42 0.42 -9.83 8.25
C ASP A 42 -0.14 -8.77 9.19
N VAL A 43 -0.97 -7.88 8.65
CA VAL A 43 -1.59 -6.82 9.43
C VAL A 43 -2.86 -6.34 8.74
N VAL A 44 -3.25 -5.07 8.92
CA VAL A 44 -4.46 -4.57 8.27
C VAL A 44 -4.62 -3.05 8.37
N SER A 45 -4.68 -2.43 7.19
CA SER A 45 -4.89 -0.98 7.06
C SER A 45 -3.73 -0.14 7.60
N GLU A 46 -2.64 -0.77 7.99
CA GLU A 46 -1.48 -0.03 8.50
C GLU A 46 -0.33 -0.95 8.92
N TYR A 47 0.89 -0.45 8.74
CA TYR A 47 2.11 -1.18 9.08
C TYR A 47 2.12 -1.55 10.56
N GLY A 1 13.18 1.70 -3.01
CA GLY A 1 11.68 1.68 -3.03
C GLY A 1 11.12 1.38 -4.40
N SER A 2 9.84 1.06 -4.45
CA SER A 2 9.17 0.74 -5.71
C SER A 2 8.18 1.85 -6.09
N GLY A 3 7.60 2.49 -5.07
CA GLY A 3 6.65 3.55 -5.32
C GLY A 3 6.98 4.83 -4.58
N GLU A 4 6.10 5.23 -3.67
CA GLU A 4 6.33 6.46 -2.92
C GLU A 4 6.38 7.64 -3.89
N VAL A 5 5.71 7.47 -5.03
CA VAL A 5 5.68 8.49 -6.04
C VAL A 5 4.35 9.24 -6.05
N ASN A 6 3.31 8.63 -5.48
CA ASN A 6 1.99 9.25 -5.45
C ASN A 6 1.62 9.77 -6.84
N LYS A 7 1.20 8.87 -7.72
CA LYS A 7 0.87 9.25 -9.09
C LYS A 7 -0.44 8.63 -9.59
N ILE A 8 -0.34 7.52 -10.35
CA ILE A 8 -1.53 6.86 -10.89
C ILE A 8 -1.39 5.36 -10.72
N ILE A 9 -2.23 4.79 -9.86
CA ILE A 9 -2.16 3.37 -9.60
C ILE A 9 -3.52 2.78 -9.20
N GLY A 10 -3.62 1.44 -9.28
CA GLY A 10 -4.86 0.74 -8.93
C GLY A 10 -4.68 -0.05 -7.66
N SER A 11 -5.49 0.24 -6.63
CA SER A 11 -5.32 -0.42 -5.35
C SER A 11 -6.33 -1.51 -5.11
N ARG A 12 -5.79 -2.72 -5.17
CA ARG A 12 -6.57 -3.95 -4.96
C ARG A 12 -5.68 -5.14 -4.55
N THR A 13 -5.81 -5.62 -3.32
CA THR A 13 -5.02 -6.79 -2.88
C THR A 13 -5.89 -8.00 -2.56
N ALA A 14 -6.50 -8.00 -1.37
CA ALA A 14 -7.33 -9.12 -0.96
C ALA A 14 -8.46 -8.67 -0.04
N GLY A 15 -8.10 -7.98 1.05
CA GLY A 15 -9.10 -7.50 1.98
C GLY A 15 -8.98 -8.15 3.35
N GLU A 16 -8.62 -9.43 3.37
CA GLU A 16 -8.46 -10.16 4.62
C GLU A 16 -7.42 -9.48 5.50
N GLY A 17 -6.49 -8.79 4.86
CA GLY A 17 -5.43 -8.10 5.58
C GLY A 17 -4.96 -6.87 4.83
N ALA A 18 -4.78 -7.04 3.52
CA ALA A 18 -4.33 -5.96 2.66
C ALA A 18 -5.24 -5.87 1.45
N MET A 19 -5.37 -4.68 0.88
CA MET A 19 -6.24 -4.54 -0.27
C MET A 19 -6.05 -3.25 -1.07
N GLU A 20 -4.81 -2.93 -1.48
CA GLU A 20 -4.63 -1.73 -2.28
C GLU A 20 -3.43 -1.76 -3.26
N TYR A 21 -2.48 -0.81 -3.22
CA TYR A 21 -1.42 -0.78 -4.26
C TYR A 21 -0.08 -0.10 -3.91
N LEU A 22 0.35 0.84 -4.76
CA LEU A 22 1.57 1.56 -4.51
C LEU A 22 1.50 2.96 -5.14
N ILE A 23 2.43 3.79 -4.72
CA ILE A 23 2.57 5.17 -5.20
C ILE A 23 1.30 6.02 -5.01
N GLU A 24 0.89 6.22 -3.75
CA GLU A 24 -0.29 7.03 -3.45
C GLU A 24 -0.60 7.12 -1.95
N TRP A 25 0.43 7.21 -1.10
CA TRP A 25 0.19 7.31 0.35
C TRP A 25 1.32 8.04 1.07
N LYS A 26 1.94 9.00 0.42
CA LYS A 26 3.02 9.77 1.03
C LYS A 26 4.14 8.86 1.52
N ASP A 27 4.19 7.65 0.98
CA ASP A 27 5.22 6.69 1.33
C ASP A 27 5.43 6.55 2.84
N GLY A 28 4.34 6.56 3.60
CA GLY A 28 4.46 6.42 5.05
C GLY A 28 5.37 5.27 5.44
N HIS A 29 5.06 4.06 4.95
CA HIS A 29 5.88 2.91 5.27
C HIS A 29 6.22 2.14 4.01
N SER A 30 7.39 2.40 3.43
CA SER A 30 7.84 1.70 2.23
C SER A 30 6.71 1.39 1.23
N PRO A 31 6.63 2.09 0.06
CA PRO A 31 5.60 1.81 -0.96
C PRO A 31 5.27 0.33 -0.99
N SER A 32 4.00 -0.03 -0.84
CA SER A 32 3.67 -1.44 -0.74
C SER A 32 2.28 -1.75 -1.24
N TRP A 33 2.11 -2.91 -1.87
CA TRP A 33 0.78 -3.24 -2.33
C TRP A 33 0.09 -3.72 -1.08
N VAL A 34 -0.56 -2.74 -0.47
CA VAL A 34 -1.25 -2.93 0.78
C VAL A 34 -2.39 -1.92 0.86
N PRO A 35 -3.28 -2.00 1.89
CA PRO A 35 -4.49 -1.19 1.99
C PRO A 35 -4.33 0.26 2.44
N SER A 36 -4.47 1.16 1.46
CA SER A 36 -4.44 2.60 1.68
C SER A 36 -3.33 3.02 2.61
N SER A 37 -2.29 2.21 2.64
CA SER A 37 -1.16 2.49 3.48
C SER A 37 0.02 1.59 3.06
N TYR A 38 0.50 0.76 3.99
CA TYR A 38 1.65 -0.11 3.75
C TYR A 38 1.81 -0.95 4.98
N ILE A 39 1.35 -2.18 4.87
CA ILE A 39 1.34 -3.11 5.98
C ILE A 39 2.02 -4.40 5.54
N ALA A 40 3.00 -4.24 4.68
CA ALA A 40 3.72 -5.37 4.12
C ALA A 40 4.37 -6.23 5.21
N ALA A 41 3.63 -7.24 5.64
CA ALA A 41 4.09 -8.17 6.67
C ALA A 41 2.94 -9.04 7.15
N ASP A 42 1.91 -8.38 7.69
CA ASP A 42 0.72 -9.05 8.20
C ASP A 42 -0.06 -8.09 9.11
N VAL A 43 -0.82 -7.19 8.51
CA VAL A 43 -1.59 -6.22 9.30
C VAL A 43 -2.87 -5.85 8.57
N VAL A 44 -3.45 -4.68 8.89
CA VAL A 44 -4.67 -4.25 8.24
C VAL A 44 -4.85 -2.73 8.26
N SER A 45 -4.63 -2.14 7.10
CA SER A 45 -4.79 -0.69 6.88
C SER A 45 -3.59 0.13 7.37
N GLU A 46 -2.56 -0.56 7.86
CA GLU A 46 -1.36 0.13 8.34
C GLU A 46 -0.33 -0.86 8.88
N TYR A 47 0.94 -0.61 8.61
CA TYR A 47 2.01 -1.49 9.09
C TYR A 47 2.13 -1.39 10.61
N GLY A 1 11.02 -2.63 -3.64
CA GLY A 1 9.80 -1.78 -3.51
C GLY A 1 9.96 -0.43 -4.20
N SER A 2 9.72 -0.40 -5.50
CA SER A 2 9.83 0.84 -6.27
C SER A 2 8.52 1.62 -6.25
N GLY A 3 8.43 2.56 -5.31
CA GLY A 3 7.23 3.37 -5.20
C GLY A 3 7.51 4.75 -4.64
N GLU A 4 6.59 5.26 -3.83
CA GLU A 4 6.74 6.58 -3.22
C GLU A 4 6.75 7.65 -4.30
N VAL A 5 5.80 7.55 -5.20
CA VAL A 5 5.68 8.52 -6.28
C VAL A 5 4.33 9.22 -6.24
N ASN A 6 3.37 8.67 -5.50
CA ASN A 6 2.04 9.27 -5.42
C ASN A 6 1.54 9.54 -6.84
N LYS A 7 1.86 8.60 -7.72
CA LYS A 7 1.56 8.69 -9.12
C LYS A 7 0.22 8.00 -9.44
N ILE A 8 0.20 7.12 -10.44
CA ILE A 8 -1.01 6.46 -10.84
C ILE A 8 -0.93 4.95 -10.64
N ILE A 9 -1.79 4.43 -9.77
CA ILE A 9 -1.81 3.00 -9.48
C ILE A 9 -3.21 2.55 -9.11
N GLY A 10 -3.43 1.24 -9.19
CA GLY A 10 -4.74 0.70 -8.85
C GLY A 10 -4.66 -0.07 -7.56
N SER A 11 -5.57 0.19 -6.62
CA SER A 11 -5.50 -0.49 -5.35
C SER A 11 -6.51 -1.61 -5.22
N ARG A 12 -5.94 -2.81 -5.27
CA ARG A 12 -6.68 -4.07 -5.14
C ARG A 12 -5.77 -5.21 -4.68
N THR A 13 -5.84 -5.62 -3.40
CA THR A 13 -4.98 -6.72 -2.95
C THR A 13 -5.78 -8.00 -2.66
N ALA A 14 -6.39 -8.08 -1.48
CA ALA A 14 -7.14 -9.27 -1.11
C ALA A 14 -8.30 -8.93 -0.18
N GLY A 15 -8.00 -8.24 0.92
CA GLY A 15 -9.03 -7.86 1.86
C GLY A 15 -8.84 -8.48 3.22
N GLU A 16 -8.22 -9.65 3.27
CA GLU A 16 -7.98 -10.34 4.54
C GLU A 16 -7.15 -9.45 5.45
N GLY A 17 -6.27 -8.67 4.83
CA GLY A 17 -5.43 -7.75 5.57
C GLY A 17 -5.08 -6.54 4.73
N ALA A 18 -4.68 -6.81 3.49
CA ALA A 18 -4.33 -5.78 2.54
C ALA A 18 -5.31 -5.79 1.38
N MET A 19 -5.50 -4.64 0.75
CA MET A 19 -6.43 -4.58 -0.36
C MET A 19 -6.29 -3.30 -1.18
N GLU A 20 -5.07 -2.90 -1.53
CA GLU A 20 -4.92 -1.70 -2.33
C GLU A 20 -3.69 -1.69 -3.29
N TYR A 21 -2.98 -0.56 -3.41
CA TYR A 21 -1.87 -0.39 -4.41
C TYR A 21 -0.57 0.00 -3.83
N LEU A 22 0.39 0.31 -4.72
CA LEU A 22 1.63 0.82 -4.24
C LEU A 22 2.20 1.99 -5.08
N ILE A 23 2.07 3.22 -4.51
CA ILE A 23 2.59 4.51 -5.04
C ILE A 23 1.57 5.65 -4.91
N GLU A 24 0.61 5.56 -3.98
CA GLU A 24 -0.40 6.61 -3.84
C GLU A 24 -0.54 7.08 -2.38
N TRP A 25 0.58 7.46 -1.78
CA TRP A 25 0.60 7.93 -0.39
C TRP A 25 1.79 8.85 -0.18
N LYS A 26 2.07 9.19 1.07
CA LYS A 26 3.19 10.06 1.39
C LYS A 26 4.39 9.23 1.83
N ASP A 27 4.54 8.06 1.19
CA ASP A 27 5.64 7.16 1.52
C ASP A 27 5.66 6.85 3.01
N GLY A 28 4.49 6.58 3.57
CA GLY A 28 4.43 6.27 4.98
C GLY A 28 5.36 5.15 5.38
N HIS A 29 5.12 3.94 4.85
CA HIS A 29 5.98 2.82 5.19
C HIS A 29 6.34 2.04 3.93
N SER A 30 7.50 2.33 3.36
CA SER A 30 7.96 1.63 2.15
C SER A 30 6.83 1.36 1.16
N PRO A 31 6.65 2.20 0.11
CA PRO A 31 5.62 2.02 -0.92
C PRO A 31 5.27 0.56 -1.06
N SER A 32 4.00 0.23 -0.96
CA SER A 32 3.64 -1.15 -0.90
C SER A 32 2.25 -1.42 -1.44
N TRP A 33 2.06 -2.55 -2.10
CA TRP A 33 0.74 -2.88 -2.55
C TRP A 33 0.09 -3.50 -1.35
N VAL A 34 -0.62 -2.65 -0.66
CA VAL A 34 -1.26 -2.99 0.58
C VAL A 34 -2.50 -2.09 0.70
N PRO A 35 -3.23 -2.06 1.83
CA PRO A 35 -4.46 -1.27 1.95
C PRO A 35 -4.29 0.18 2.41
N SER A 36 -4.38 1.11 1.45
CA SER A 36 -4.30 2.54 1.72
C SER A 36 -3.16 2.87 2.66
N SER A 37 -2.16 2.00 2.71
CA SER A 37 -1.02 2.23 3.57
C SER A 37 0.15 1.33 3.15
N TYR A 38 0.66 0.50 4.06
CA TYR A 38 1.80 -0.36 3.78
C TYR A 38 1.97 -1.23 4.99
N ILE A 39 1.53 -2.45 4.87
CA ILE A 39 1.51 -3.37 5.98
C ILE A 39 2.26 -4.63 5.63
N ALA A 40 3.31 -4.45 4.84
CA ALA A 40 4.13 -5.55 4.38
C ALA A 40 4.73 -6.32 5.54
N ALA A 41 4.02 -7.36 5.97
CA ALA A 41 4.44 -8.21 7.08
C ALA A 41 3.28 -9.09 7.55
N ASP A 42 2.20 -8.43 7.98
CA ASP A 42 1.00 -9.11 8.46
C ASP A 42 0.17 -8.16 9.32
N VAL A 43 -0.59 -7.28 8.68
CA VAL A 43 -1.42 -6.32 9.41
C VAL A 43 -2.63 -5.93 8.57
N VAL A 44 -3.33 -4.88 8.96
CA VAL A 44 -4.51 -4.44 8.20
C VAL A 44 -4.71 -2.93 8.23
N SER A 45 -4.73 -2.33 7.05
CA SER A 45 -4.95 -0.90 6.88
C SER A 45 -3.79 -0.05 7.38
N GLU A 46 -2.70 -0.69 7.79
CA GLU A 46 -1.54 0.04 8.29
C GLU A 46 -0.43 -0.90 8.74
N TYR A 47 0.80 -0.37 8.79
CA TYR A 47 1.96 -1.15 9.19
C TYR A 47 1.80 -1.65 10.64
N GLY A 1 12.67 8.31 -9.13
CA GLY A 1 12.20 6.94 -9.46
C GLY A 1 10.72 6.74 -9.14
N SER A 2 10.30 5.48 -9.11
CA SER A 2 8.91 5.16 -8.80
C SER A 2 8.73 4.87 -7.32
N GLY A 3 7.49 4.69 -6.90
CA GLY A 3 7.20 4.41 -5.50
C GLY A 3 7.17 5.66 -4.65
N GLU A 4 6.29 5.68 -3.65
CA GLU A 4 6.17 6.84 -2.76
C GLU A 4 6.09 8.13 -3.58
N VAL A 5 5.58 8.01 -4.80
CA VAL A 5 5.43 9.12 -5.72
C VAL A 5 3.99 9.59 -5.85
N ASN A 6 3.05 8.83 -5.30
CA ASN A 6 1.63 9.14 -5.40
C ASN A 6 1.25 9.62 -6.80
N LYS A 7 1.20 8.67 -7.75
CA LYS A 7 0.88 9.01 -9.14
C LYS A 7 0.21 7.85 -9.88
N ILE A 8 0.91 7.19 -10.80
CA ILE A 8 0.37 6.07 -11.56
C ILE A 8 0.48 4.80 -10.74
N ILE A 9 -0.63 4.40 -10.13
CA ILE A 9 -0.60 3.23 -9.28
C ILE A 9 -1.97 2.54 -9.20
N GLY A 10 -1.99 1.36 -8.58
CA GLY A 10 -3.19 0.55 -8.53
C GLY A 10 -3.45 0.02 -7.14
N SER A 11 -4.63 -0.56 -6.92
CA SER A 11 -4.97 -1.05 -5.60
C SER A 11 -5.93 -2.24 -5.64
N ARG A 12 -5.38 -3.44 -5.40
CA ARG A 12 -6.20 -4.65 -5.35
C ARG A 12 -5.48 -5.75 -4.54
N THR A 13 -5.88 -5.99 -3.30
CA THR A 13 -5.21 -7.02 -2.51
C THR A 13 -6.12 -8.18 -2.10
N ALA A 14 -6.85 -8.03 -1.00
CA ALA A 14 -7.70 -9.12 -0.53
C ALA A 14 -8.92 -8.62 0.21
N GLY A 15 -8.71 -7.82 1.24
CA GLY A 15 -9.82 -7.27 2.01
C GLY A 15 -9.79 -7.69 3.45
N GLU A 16 -9.23 -8.87 3.71
CA GLU A 16 -9.13 -9.37 5.08
C GLU A 16 -8.34 -8.38 5.92
N GLY A 17 -7.38 -7.74 5.27
CA GLY A 17 -6.56 -6.74 5.93
C GLY A 17 -6.07 -5.70 4.94
N ALA A 18 -5.60 -6.17 3.78
CA ALA A 18 -5.12 -5.30 2.74
C ALA A 18 -5.97 -5.44 1.50
N MET A 19 -6.07 -4.38 0.70
CA MET A 19 -6.88 -4.43 -0.52
C MET A 19 -6.55 -3.31 -1.49
N GLU A 20 -5.34 -2.79 -1.40
CA GLU A 20 -4.93 -1.71 -2.28
C GLU A 20 -3.42 -1.78 -2.51
N TYR A 21 -2.87 -0.86 -3.31
CA TYR A 21 -1.43 -0.87 -3.58
C TYR A 21 -0.86 0.48 -3.97
N LEU A 22 -1.60 1.53 -3.75
CA LEU A 22 -1.11 2.81 -4.16
C LEU A 22 -0.20 3.51 -3.20
N ILE A 23 0.86 4.04 -3.82
CA ILE A 23 1.88 4.81 -3.16
C ILE A 23 1.37 6.21 -2.81
N GLU A 24 0.05 6.37 -2.83
CA GLU A 24 -0.59 7.61 -2.49
C GLU A 24 -0.69 7.79 -0.97
N TRP A 25 0.10 7.01 -0.22
CA TRP A 25 0.13 7.11 1.22
C TRP A 25 1.23 8.09 1.66
N LYS A 26 1.45 9.10 0.83
CA LYS A 26 2.47 10.12 1.10
C LYS A 26 3.78 9.49 1.53
N ASP A 27 4.08 8.32 0.97
CA ASP A 27 5.33 7.64 1.31
C ASP A 27 5.31 7.21 2.77
N GLY A 28 4.11 7.06 3.33
CA GLY A 28 3.97 6.65 4.72
C GLY A 28 4.92 5.52 5.07
N HIS A 29 4.66 4.35 4.52
CA HIS A 29 5.50 3.21 4.74
C HIS A 29 5.80 2.52 3.42
N SER A 30 6.99 2.81 2.89
CA SER A 30 7.50 2.18 1.66
C SER A 30 6.46 1.81 0.58
N PRO A 31 6.46 2.47 -0.62
CA PRO A 31 5.60 2.09 -1.77
C PRO A 31 5.31 0.60 -1.75
N SER A 32 4.05 0.25 -1.59
CA SER A 32 3.72 -1.16 -1.43
C SER A 32 2.33 -1.52 -1.90
N TRP A 33 1.99 -2.78 -1.72
CA TRP A 33 0.68 -3.25 -2.09
C TRP A 33 -0.15 -3.47 -0.82
N VAL A 34 -0.90 -2.43 -0.42
CA VAL A 34 -1.75 -2.48 0.76
C VAL A 34 -2.83 -1.39 0.69
N PRO A 35 -3.72 -1.28 1.72
CA PRO A 35 -4.77 -0.27 1.77
C PRO A 35 -4.47 0.96 2.62
N SER A 36 -4.41 2.10 1.95
CA SER A 36 -4.22 3.39 2.63
C SER A 36 -2.85 3.62 3.25
N SER A 37 -1.98 2.63 3.31
CA SER A 37 -0.67 2.87 3.89
C SER A 37 0.39 1.84 3.50
N TYR A 38 0.51 0.79 4.28
CA TYR A 38 1.54 -0.21 4.05
C TYR A 38 1.50 -1.26 5.14
N ILE A 39 1.68 -2.51 4.76
CA ILE A 39 1.65 -3.60 5.72
C ILE A 39 2.25 -4.84 5.05
N ALA A 40 3.20 -4.58 4.16
CA ALA A 40 3.83 -5.66 3.41
C ALA A 40 4.65 -6.54 4.35
N ALA A 41 4.00 -7.59 4.85
CA ALA A 41 4.63 -8.55 5.76
C ALA A 41 3.57 -9.32 6.53
N ASP A 42 2.40 -8.71 6.70
CA ASP A 42 1.31 -9.35 7.43
C ASP A 42 0.06 -9.53 6.58
N VAL A 43 -0.86 -8.55 6.63
CA VAL A 43 -2.12 -8.63 5.90
C VAL A 43 -3.05 -7.45 6.21
N VAL A 44 -2.95 -6.91 7.42
CA VAL A 44 -3.81 -5.81 7.87
C VAL A 44 -3.77 -4.61 6.92
N SER A 45 -4.35 -3.49 7.36
CA SER A 45 -4.43 -2.27 6.55
C SER A 45 -3.50 -1.15 7.04
N GLU A 46 -2.45 -1.50 7.79
CA GLU A 46 -1.51 -0.48 8.28
C GLU A 46 -0.29 -1.09 8.96
N TYR A 47 0.88 -0.50 8.70
CA TYR A 47 2.13 -0.96 9.29
C TYR A 47 2.58 -0.02 10.41
N GLY A 1 12.57 5.59 -9.56
CA GLY A 1 12.59 4.12 -9.35
C GLY A 1 11.19 3.52 -9.39
N SER A 2 10.69 3.11 -8.22
CA SER A 2 9.36 2.52 -8.13
C SER A 2 8.77 2.72 -6.74
N GLY A 3 7.45 2.93 -6.69
CA GLY A 3 6.79 3.14 -5.41
C GLY A 3 7.15 4.47 -4.78
N GLU A 4 6.33 4.90 -3.81
CA GLU A 4 6.57 6.16 -3.13
C GLU A 4 6.52 7.35 -4.10
N VAL A 5 5.98 7.12 -5.29
CA VAL A 5 5.89 8.19 -6.29
C VAL A 5 4.70 9.10 -6.02
N ASN A 6 3.61 8.51 -5.53
CA ASN A 6 2.40 9.26 -5.22
C ASN A 6 1.87 9.97 -6.48
N LYS A 7 1.04 9.27 -7.23
CA LYS A 7 0.47 9.82 -8.45
C LYS A 7 -0.90 9.23 -8.76
N ILE A 8 -0.94 7.94 -9.07
CA ILE A 8 -2.17 7.25 -9.41
C ILE A 8 -2.17 5.88 -8.76
N ILE A 9 -3.24 5.54 -8.04
CA ILE A 9 -3.29 4.25 -7.39
C ILE A 9 -4.49 3.39 -7.82
N GLY A 10 -4.17 2.14 -8.14
CA GLY A 10 -5.18 1.15 -8.52
C GLY A 10 -4.69 -0.23 -8.13
N SER A 11 -5.22 -0.77 -7.04
CA SER A 11 -4.78 -2.05 -6.55
C SER A 11 -5.86 -2.86 -5.85
N ARG A 12 -5.50 -4.12 -5.60
CA ARG A 12 -6.39 -5.08 -4.95
C ARG A 12 -5.57 -6.23 -4.36
N THR A 13 -5.37 -6.23 -3.05
CA THR A 13 -4.62 -7.30 -2.43
C THR A 13 -5.50 -8.48 -2.07
N ALA A 14 -6.24 -8.34 -0.97
CA ALA A 14 -7.10 -9.44 -0.53
C ALA A 14 -8.33 -8.95 0.22
N GLY A 15 -8.10 -8.31 1.35
CA GLY A 15 -9.20 -7.83 2.17
C GLY A 15 -9.09 -8.33 3.58
N GLU A 16 -8.74 -9.61 3.70
CA GLU A 16 -8.56 -10.23 4.99
C GLU A 16 -7.46 -9.46 5.75
N GLY A 17 -6.56 -8.87 4.98
CA GLY A 17 -5.49 -8.08 5.53
C GLY A 17 -5.20 -6.87 4.67
N ALA A 18 -4.73 -7.12 3.44
CA ALA A 18 -4.41 -6.03 2.52
C ALA A 18 -5.40 -5.98 1.38
N MET A 19 -5.60 -4.81 0.76
CA MET A 19 -6.54 -4.71 -0.37
C MET A 19 -6.28 -3.52 -1.32
N GLU A 20 -5.04 -3.05 -1.38
CA GLU A 20 -4.65 -1.94 -2.24
C GLU A 20 -3.13 -2.03 -2.45
N TYR A 21 -2.50 -1.18 -3.28
CA TYR A 21 -1.07 -1.34 -3.48
C TYR A 21 -0.33 -0.08 -3.93
N LEU A 22 -0.99 0.82 -4.61
CA LEU A 22 -0.27 1.96 -5.12
C LEU A 22 -0.20 3.16 -4.18
N ILE A 23 1.01 3.71 -4.20
CA ILE A 23 1.42 4.90 -3.45
C ILE A 23 0.28 5.64 -2.74
N GLU A 24 0.05 6.93 -3.08
CA GLU A 24 -0.98 7.71 -2.41
C GLU A 24 -0.84 7.56 -0.89
N TRP A 25 0.39 7.24 -0.44
CA TRP A 25 0.61 7.07 0.98
C TRP A 25 1.94 7.68 1.44
N LYS A 26 2.34 8.77 0.80
CA LYS A 26 3.56 9.50 1.16
C LYS A 26 4.69 8.57 1.60
N ASP A 27 4.71 7.37 1.04
CA ASP A 27 5.73 6.39 1.37
C ASP A 27 6.01 6.32 2.87
N GLY A 28 4.96 6.48 3.68
CA GLY A 28 5.14 6.41 5.13
C GLY A 28 5.97 5.22 5.54
N HIS A 29 5.55 4.04 5.10
CA HIS A 29 6.27 2.82 5.38
C HIS A 29 6.45 2.03 4.10
N SER A 30 7.60 2.22 3.45
CA SER A 30 7.97 1.51 2.23
C SER A 30 6.81 1.26 1.25
N PRO A 31 6.80 1.91 0.03
CA PRO A 31 5.79 1.62 -1.01
C PRO A 31 5.40 0.15 -0.94
N SER A 32 4.14 -0.13 -0.74
CA SER A 32 3.75 -1.51 -0.50
C SER A 32 2.44 -1.91 -1.12
N TRP A 33 2.13 -3.17 -1.01
CA TRP A 33 0.86 -3.65 -1.45
C TRP A 33 0.00 -3.71 -0.19
N VAL A 34 -0.83 -2.69 -0.05
CA VAL A 34 -1.61 -2.45 1.16
C VAL A 34 -2.92 -1.70 0.84
N PRO A 35 -3.97 -1.92 1.68
CA PRO A 35 -5.32 -1.32 1.54
C PRO A 35 -5.37 0.21 1.51
N SER A 36 -4.31 0.90 1.88
CA SER A 36 -4.35 2.37 1.92
C SER A 36 -3.05 2.98 2.45
N SER A 37 -2.34 2.27 3.31
CA SER A 37 -1.07 2.77 3.85
C SER A 37 0.13 1.92 3.39
N TYR A 38 0.47 0.88 4.18
CA TYR A 38 1.60 -0.05 3.93
C TYR A 38 1.60 -1.06 5.05
N ILE A 39 1.50 -2.32 4.70
CA ILE A 39 1.40 -3.37 5.70
C ILE A 39 2.32 -4.53 5.35
N ALA A 40 3.39 -4.20 4.64
CA ALA A 40 4.34 -5.20 4.21
C ALA A 40 4.95 -5.94 5.39
N ALA A 41 4.32 -7.06 5.73
CA ALA A 41 4.77 -7.91 6.84
C ALA A 41 3.62 -8.81 7.29
N ASP A 42 2.53 -8.18 7.73
CA ASP A 42 1.34 -8.89 8.21
C ASP A 42 0.46 -7.94 9.02
N VAL A 43 -0.33 -7.12 8.34
CA VAL A 43 -1.21 -6.17 9.02
C VAL A 43 -2.48 -5.94 8.21
N VAL A 44 -3.20 -4.87 8.52
CA VAL A 44 -4.42 -4.59 7.79
C VAL A 44 -4.63 -3.10 7.54
N SER A 45 -4.34 -2.70 6.30
CA SER A 45 -4.52 -1.32 5.85
C SER A 45 -3.62 -0.35 6.60
N GLU A 46 -2.62 -0.86 7.29
CA GLU A 46 -1.71 0.00 8.05
C GLU A 46 -0.61 -0.80 8.74
N TYR A 47 0.62 -0.33 8.61
CA TYR A 47 1.78 -0.99 9.22
C TYR A 47 1.67 -0.97 10.74
N GLY A 1 6.32 -1.57 -9.95
CA GLY A 1 7.56 -0.77 -9.74
C GLY A 1 7.28 0.61 -9.17
N SER A 2 8.32 1.43 -9.07
CA SER A 2 8.19 2.78 -8.54
C SER A 2 7.46 2.78 -7.20
N GLY A 3 7.17 3.96 -6.68
CA GLY A 3 6.48 4.07 -5.41
C GLY A 3 6.92 5.30 -4.63
N GLU A 4 6.09 5.74 -3.69
CA GLU A 4 6.41 6.90 -2.86
C GLU A 4 6.42 8.20 -3.69
N VAL A 5 6.03 8.12 -4.96
CA VAL A 5 6.00 9.30 -5.82
C VAL A 5 4.72 10.10 -5.58
N ASN A 6 3.61 9.38 -5.49
CA ASN A 6 2.29 9.94 -5.24
C ASN A 6 1.67 10.43 -6.53
N LYS A 7 1.23 9.45 -7.30
CA LYS A 7 0.62 9.65 -8.59
C LYS A 7 -0.34 8.48 -8.85
N ILE A 8 -0.40 7.98 -10.09
CA ILE A 8 -1.23 6.83 -10.45
C ILE A 8 -1.21 5.78 -9.33
N ILE A 9 -2.32 5.11 -9.07
CA ILE A 9 -2.33 4.09 -8.04
C ILE A 9 -3.26 2.92 -8.31
N GLY A 10 -2.69 1.73 -8.24
CA GLY A 10 -3.45 0.49 -8.38
C GLY A 10 -3.63 -0.08 -6.98
N SER A 11 -4.74 -0.73 -6.72
CA SER A 11 -4.97 -1.23 -5.37
C SER A 11 -5.90 -2.44 -5.33
N ARG A 12 -5.32 -3.62 -5.12
CA ARG A 12 -6.09 -4.86 -5.01
C ARG A 12 -5.27 -5.91 -4.25
N THR A 13 -5.57 -6.14 -2.98
CA THR A 13 -4.78 -7.13 -2.23
C THR A 13 -5.57 -8.36 -1.82
N ALA A 14 -6.31 -8.28 -0.71
CA ALA A 14 -7.06 -9.45 -0.23
C ALA A 14 -8.37 -9.05 0.42
N GLY A 15 -8.32 -8.15 1.40
CA GLY A 15 -9.54 -7.72 2.06
C GLY A 15 -9.57 -8.09 3.53
N GLU A 16 -9.04 -9.27 3.86
CA GLU A 16 -9.01 -9.71 5.25
C GLU A 16 -8.25 -8.70 6.09
N GLY A 17 -7.33 -8.00 5.44
CA GLY A 17 -6.54 -6.98 6.11
C GLY A 17 -6.14 -5.88 5.14
N ALA A 18 -5.51 -6.28 4.04
CA ALA A 18 -5.07 -5.35 3.03
C ALA A 18 -5.83 -5.60 1.72
N MET A 19 -6.09 -4.54 0.96
CA MET A 19 -6.77 -4.69 -0.32
C MET A 19 -6.47 -3.54 -1.27
N GLU A 20 -5.26 -2.98 -1.16
CA GLU A 20 -4.87 -1.87 -2.01
C GLU A 20 -3.37 -1.96 -2.29
N TYR A 21 -2.77 -0.98 -2.99
CA TYR A 21 -1.38 -1.16 -3.33
C TYR A 21 -0.51 0.05 -3.59
N LEU A 22 -0.84 0.79 -4.58
CA LEU A 22 0.08 1.83 -4.99
C LEU A 22 -0.06 3.13 -4.23
N ILE A 23 1.07 3.85 -4.25
CA ILE A 23 1.26 5.11 -3.56
C ILE A 23 0.00 5.70 -2.95
N GLU A 24 -0.48 6.84 -3.44
CA GLU A 24 -1.62 7.49 -2.81
C GLU A 24 -1.13 8.05 -1.48
N TRP A 25 -0.68 7.14 -0.63
CA TRP A 25 -0.10 7.49 0.66
C TRP A 25 1.09 8.42 0.48
N LYS A 26 1.79 8.69 1.59
CA LYS A 26 2.95 9.57 1.56
C LYS A 26 4.21 8.79 1.95
N ASP A 27 4.45 7.70 1.22
CA ASP A 27 5.60 6.84 1.48
C ASP A 27 5.79 6.59 2.97
N GLY A 28 4.71 6.53 3.71
CA GLY A 28 4.79 6.30 5.15
C GLY A 28 5.68 5.12 5.50
N HIS A 29 5.37 3.94 4.97
CA HIS A 29 6.18 2.77 5.26
C HIS A 29 6.52 2.02 3.99
N SER A 30 7.69 2.29 3.44
CA SER A 30 8.16 1.61 2.24
C SER A 30 7.08 1.39 1.19
N PRO A 31 7.01 2.18 0.08
CA PRO A 31 6.04 1.97 -1.00
C PRO A 31 5.73 0.48 -1.14
N SER A 32 4.51 0.12 -0.85
CA SER A 32 4.15 -1.29 -0.79
C SER A 32 2.88 -1.60 -1.54
N TRP A 33 2.33 -2.78 -1.23
CA TRP A 33 1.05 -3.20 -1.77
C TRP A 33 0.14 -3.43 -0.58
N VAL A 34 -0.58 -2.38 -0.22
CA VAL A 34 -1.48 -2.42 0.92
C VAL A 34 -2.56 -1.33 0.83
N PRO A 35 -3.54 -1.42 1.75
CA PRO A 35 -4.64 -0.44 1.92
C PRO A 35 -4.26 0.91 2.49
N SER A 36 -4.29 1.93 1.64
CA SER A 36 -4.03 3.30 2.06
C SER A 36 -2.92 3.38 3.10
N SER A 37 -2.00 2.44 3.04
CA SER A 37 -0.92 2.41 3.99
C SER A 37 0.23 1.51 3.47
N TYR A 38 0.78 0.67 4.33
CA TYR A 38 1.90 -0.19 3.98
C TYR A 38 2.14 -1.09 5.17
N ILE A 39 1.65 -2.29 5.05
CA ILE A 39 1.69 -3.24 6.14
C ILE A 39 2.35 -4.54 5.65
N ALA A 40 3.27 -4.37 4.72
CA ALA A 40 3.96 -5.51 4.13
C ALA A 40 4.73 -6.28 5.19
N ALA A 41 4.08 -7.30 5.74
CA ALA A 41 4.67 -8.14 6.78
C ALA A 41 3.58 -8.94 7.47
N ASP A 42 2.38 -8.38 7.52
CA ASP A 42 1.27 -9.04 8.17
C ASP A 42 0.07 -9.21 7.24
N VAL A 43 -0.84 -8.23 7.23
CA VAL A 43 -2.05 -8.31 6.40
C VAL A 43 -3.00 -7.13 6.64
N VAL A 44 -3.01 -6.60 7.87
CA VAL A 44 -3.91 -5.50 8.23
C VAL A 44 -3.76 -4.30 7.29
N SER A 45 -4.38 -3.17 7.65
CA SER A 45 -4.34 -1.99 6.80
C SER A 45 -3.42 -0.89 7.34
N GLU A 46 -2.32 -1.29 7.97
CA GLU A 46 -1.37 -0.32 8.50
C GLU A 46 -0.18 -1.03 9.14
N TYR A 47 0.98 -0.38 9.09
CA TYR A 47 2.19 -0.95 9.66
C TYR A 47 2.11 -0.96 11.18
N GLY A 1 10.82 -2.06 -6.84
CA GLY A 1 10.38 -1.05 -7.84
C GLY A 1 10.31 0.34 -7.26
N SER A 2 10.04 1.32 -8.12
CA SER A 2 9.94 2.72 -7.69
C SER A 2 8.65 2.95 -6.90
N GLY A 3 8.43 4.19 -6.49
CA GLY A 3 7.23 4.51 -5.74
C GLY A 3 7.44 5.63 -4.74
N GLU A 4 6.58 5.71 -3.71
CA GLU A 4 6.69 6.75 -2.68
C GLU A 4 6.52 8.17 -3.28
N VAL A 5 6.14 8.26 -4.55
CA VAL A 5 5.93 9.53 -5.20
C VAL A 5 4.53 10.03 -4.95
N ASN A 6 3.56 9.15 -5.19
CA ASN A 6 2.12 9.42 -5.04
C ASN A 6 1.58 9.88 -6.39
N LYS A 7 1.51 8.93 -7.33
CA LYS A 7 1.08 9.21 -8.67
C LYS A 7 0.42 7.95 -9.27
N ILE A 8 0.68 7.71 -10.56
CA ILE A 8 0.16 6.55 -11.27
C ILE A 8 0.38 5.26 -10.48
N ILE A 9 -0.66 4.77 -9.84
CA ILE A 9 -0.53 3.55 -9.07
C ILE A 9 -1.88 2.81 -8.95
N GLY A 10 -1.86 1.57 -8.47
CA GLY A 10 -3.05 0.75 -8.42
C GLY A 10 -3.29 0.16 -7.05
N SER A 11 -4.47 -0.42 -6.84
CA SER A 11 -4.79 -0.99 -5.54
C SER A 11 -5.75 -2.18 -5.61
N ARG A 12 -5.21 -3.38 -5.43
CA ARG A 12 -6.03 -4.60 -5.42
C ARG A 12 -5.33 -5.74 -4.68
N THR A 13 -5.73 -6.06 -3.44
CA THR A 13 -5.09 -7.16 -2.73
C THR A 13 -6.07 -8.23 -2.23
N ALA A 14 -6.66 -8.03 -1.06
CA ALA A 14 -7.59 -9.02 -0.50
C ALA A 14 -8.74 -8.35 0.25
N GLY A 15 -8.42 -7.60 1.30
CA GLY A 15 -9.47 -6.95 2.08
C GLY A 15 -9.41 -7.31 3.55
N GLU A 16 -9.28 -8.60 3.83
CA GLU A 16 -9.20 -9.07 5.21
C GLU A 16 -8.02 -8.43 5.94
N GLY A 17 -7.02 -8.05 5.16
CA GLY A 17 -5.83 -7.42 5.71
C GLY A 17 -5.34 -6.31 4.81
N ALA A 18 -5.11 -6.65 3.55
CA ALA A 18 -4.64 -5.69 2.57
C ALA A 18 -5.53 -5.74 1.34
N MET A 19 -5.68 -4.63 0.63
CA MET A 19 -6.53 -4.63 -0.57
C MET A 19 -6.27 -3.45 -1.49
N GLU A 20 -5.09 -2.87 -1.39
CA GLU A 20 -4.73 -1.75 -2.23
C GLU A 20 -3.22 -1.80 -2.49
N TYR A 21 -2.69 -0.85 -3.25
CA TYR A 21 -1.26 -0.86 -3.55
C TYR A 21 -0.71 0.51 -3.91
N LEU A 22 -1.47 1.54 -3.70
CA LEU A 22 -1.01 2.82 -4.11
C LEU A 22 -0.13 3.58 -3.15
N ILE A 23 0.92 4.09 -3.82
CA ILE A 23 1.94 4.91 -3.24
C ILE A 23 1.34 6.24 -2.76
N GLU A 24 0.05 6.44 -3.06
CA GLU A 24 -0.69 7.62 -2.65
C GLU A 24 -0.50 7.91 -1.16
N TRP A 25 0.07 6.97 -0.39
CA TRP A 25 0.33 7.19 1.03
C TRP A 25 1.48 8.16 1.32
N LYS A 26 1.72 9.14 0.43
CA LYS A 26 2.76 10.13 0.65
C LYS A 26 4.07 9.51 1.10
N ASP A 27 4.37 8.32 0.58
CA ASP A 27 5.60 7.64 0.95
C ASP A 27 5.61 7.32 2.44
N GLY A 28 4.41 7.20 3.01
CA GLY A 28 4.31 6.90 4.43
C GLY A 28 5.24 5.77 4.81
N HIS A 29 4.96 4.58 4.31
CA HIS A 29 5.80 3.43 4.58
C HIS A 29 6.06 2.65 3.31
N SER A 30 7.23 2.86 2.72
CA SER A 30 7.69 2.13 1.53
C SER A 30 6.62 1.79 0.49
N PRO A 31 6.65 2.40 -0.73
CA PRO A 31 5.75 2.03 -1.85
C PRO A 31 5.46 0.55 -1.78
N SER A 32 4.22 0.20 -1.59
CA SER A 32 3.87 -1.19 -1.37
C SER A 32 2.50 -1.56 -1.87
N TRP A 33 2.18 -2.84 -1.75
CA TRP A 33 0.87 -3.27 -2.17
C TRP A 33 0.02 -3.55 -0.93
N VAL A 34 -0.70 -2.51 -0.49
CA VAL A 34 -1.58 -2.59 0.66
C VAL A 34 -2.63 -1.47 0.64
N PRO A 35 -3.59 -1.48 1.61
CA PRO A 35 -4.58 -0.43 1.75
C PRO A 35 -4.17 0.67 2.71
N SER A 36 -4.54 1.88 2.35
CA SER A 36 -4.28 3.06 3.18
C SER A 36 -2.81 3.48 3.19
N SER A 37 -1.90 2.60 3.59
CA SER A 37 -0.49 3.00 3.65
C SER A 37 0.52 1.88 3.37
N TYR A 38 0.55 0.86 4.21
CA TYR A 38 1.54 -0.19 4.04
C TYR A 38 1.43 -1.21 5.16
N ILE A 39 1.75 -2.45 4.86
CA ILE A 39 1.67 -3.49 5.86
C ILE A 39 2.02 -4.83 5.24
N ALA A 40 3.30 -5.01 4.98
CA ALA A 40 3.77 -6.24 4.39
C ALA A 40 3.51 -7.43 5.31
N ALA A 41 2.37 -8.07 5.11
CA ALA A 41 1.97 -9.21 5.91
C ALA A 41 0.60 -9.73 5.49
N ASP A 42 -0.26 -8.82 5.04
CA ASP A 42 -1.61 -9.17 4.60
C ASP A 42 -2.52 -9.41 5.80
N VAL A 43 -2.18 -8.79 6.92
CA VAL A 43 -2.97 -8.93 8.14
C VAL A 43 -3.50 -7.59 8.65
N VAL A 44 -3.19 -6.50 7.94
CA VAL A 44 -3.64 -5.17 8.34
C VAL A 44 -3.61 -4.20 7.17
N SER A 45 -4.21 -3.03 7.36
CA SER A 45 -4.25 -1.98 6.34
C SER A 45 -3.29 -0.85 6.67
N GLU A 46 -2.22 -1.14 7.44
CA GLU A 46 -1.26 -0.09 7.81
C GLU A 46 -0.11 -0.65 8.66
N TYR A 47 1.07 -0.05 8.52
CA TYR A 47 2.25 -0.48 9.25
C TYR A 47 2.17 -0.04 10.71
N GLY A 1 14.02 3.20 -2.89
CA GLY A 1 12.54 3.15 -2.99
C GLY A 1 12.06 2.64 -4.33
N SER A 2 10.76 2.38 -4.43
CA SER A 2 10.17 1.87 -5.67
C SER A 2 9.09 2.82 -6.18
N GLY A 3 8.10 3.08 -5.35
CA GLY A 3 7.02 3.97 -5.74
C GLY A 3 6.88 5.17 -4.81
N GLU A 4 5.89 5.11 -3.93
CA GLU A 4 5.64 6.20 -2.98
C GLU A 4 5.72 7.55 -3.67
N VAL A 5 5.42 7.57 -4.96
CA VAL A 5 5.47 8.81 -5.74
C VAL A 5 4.13 9.54 -5.72
N ASN A 6 3.10 8.91 -5.19
CA ASN A 6 1.77 9.52 -5.13
C ASN A 6 1.39 10.10 -6.50
N LYS A 7 1.07 9.22 -7.45
CA LYS A 7 0.74 9.66 -8.81
C LYS A 7 -0.43 8.85 -9.41
N ILE A 8 -0.12 7.85 -10.24
CA ILE A 8 -1.16 7.04 -10.88
C ILE A 8 -0.77 5.55 -10.85
N ILE A 9 -1.42 4.80 -9.98
CA ILE A 9 -1.16 3.39 -9.83
C ILE A 9 -2.41 2.64 -9.34
N GLY A 10 -2.34 1.32 -9.28
CA GLY A 10 -3.49 0.53 -8.90
C GLY A 10 -3.44 0.05 -7.46
N SER A 11 -4.57 -0.45 -6.98
CA SER A 11 -4.71 -0.90 -5.61
C SER A 11 -5.79 -1.98 -5.47
N ARG A 12 -5.35 -3.23 -5.32
CA ARG A 12 -6.24 -4.36 -5.15
C ARG A 12 -5.49 -5.52 -4.50
N THR A 13 -5.68 -5.78 -3.21
CA THR A 13 -4.94 -6.88 -2.59
C THR A 13 -5.81 -8.09 -2.23
N ALA A 14 -6.45 -8.07 -1.07
CA ALA A 14 -7.28 -9.22 -0.65
C ALA A 14 -8.51 -8.78 0.14
N GLY A 15 -8.29 -8.01 1.19
CA GLY A 15 -9.39 -7.55 2.01
C GLY A 15 -9.35 -8.11 3.41
N GLU A 16 -8.88 -9.35 3.54
CA GLU A 16 -8.76 -9.98 4.85
C GLU A 16 -7.86 -9.14 5.73
N GLY A 17 -6.88 -8.52 5.10
CA GLY A 17 -5.95 -7.66 5.80
C GLY A 17 -5.63 -6.44 4.96
N ALA A 18 -5.17 -6.67 3.75
CA ALA A 18 -4.84 -5.61 2.83
C ALA A 18 -5.67 -5.70 1.54
N MET A 19 -5.97 -4.56 0.91
CA MET A 19 -6.73 -4.58 -0.34
C MET A 19 -6.46 -3.33 -1.21
N GLU A 20 -5.22 -2.85 -1.24
CA GLU A 20 -4.86 -1.69 -2.06
C GLU A 20 -3.39 -1.76 -2.46
N TYR A 21 -2.82 -0.70 -3.03
CA TYR A 21 -1.44 -0.79 -3.46
C TYR A 21 -0.64 0.53 -3.49
N LEU A 22 0.04 0.84 -4.57
CA LEU A 22 1.03 1.89 -4.56
C LEU A 22 0.46 3.27 -4.66
N ILE A 23 1.35 4.21 -4.36
CA ILE A 23 1.03 5.62 -4.38
C ILE A 23 -0.29 5.86 -3.67
N GLU A 24 -0.86 7.03 -3.83
CA GLU A 24 -2.09 7.32 -3.15
C GLU A 24 -1.80 7.48 -1.65
N TRP A 25 -0.50 7.53 -1.30
CA TRP A 25 -0.04 7.71 0.06
C TRP A 25 1.21 8.58 0.05
N LYS A 26 1.87 8.76 1.20
CA LYS A 26 3.05 9.62 1.26
C LYS A 26 4.27 8.87 1.76
N ASP A 27 4.72 7.89 0.99
CA ASP A 27 5.91 7.10 1.36
C ASP A 27 5.93 6.76 2.85
N GLY A 28 4.75 6.66 3.47
CA GLY A 28 4.69 6.36 4.89
C GLY A 28 5.59 5.23 5.30
N HIS A 29 5.35 4.01 4.78
CA HIS A 29 6.19 2.88 5.16
C HIS A 29 6.62 2.09 3.93
N SER A 30 7.82 2.38 3.43
CA SER A 30 8.34 1.65 2.26
C SER A 30 7.27 1.38 1.21
N PRO A 31 7.20 2.18 0.10
CA PRO A 31 6.23 1.96 -0.99
C PRO A 31 5.86 0.49 -1.09
N SER A 32 4.57 0.20 -1.03
CA SER A 32 4.14 -1.19 -0.99
C SER A 32 2.80 -1.44 -1.63
N TRP A 33 2.28 -2.64 -1.41
CA TRP A 33 0.97 -3.01 -1.90
C TRP A 33 0.09 -3.27 -0.68
N VAL A 34 -0.66 -2.25 -0.28
CA VAL A 34 -1.52 -2.35 0.89
C VAL A 34 -2.66 -1.32 0.86
N PRO A 35 -3.65 -1.54 1.75
CA PRO A 35 -4.83 -0.67 1.95
C PRO A 35 -4.53 0.79 2.26
N SER A 36 -4.02 1.53 1.29
CA SER A 36 -3.77 2.95 1.50
C SER A 36 -2.78 3.18 2.63
N SER A 37 -1.88 2.22 2.77
CA SER A 37 -0.85 2.28 3.76
C SER A 37 0.37 1.51 3.24
N TYR A 38 0.95 0.64 4.05
CA TYR A 38 2.11 -0.16 3.65
C TYR A 38 2.38 -1.12 4.76
N ILE A 39 1.91 -2.33 4.56
CA ILE A 39 1.99 -3.37 5.55
C ILE A 39 1.96 -4.69 4.83
N ALA A 40 3.11 -5.09 4.38
CA ALA A 40 3.22 -6.33 3.65
C ALA A 40 2.75 -7.51 4.48
N ALA A 41 1.47 -7.82 4.36
CA ALA A 41 0.87 -8.93 5.07
C ALA A 41 1.27 -8.96 6.54
N ASP A 42 0.95 -7.88 7.24
CA ASP A 42 1.28 -7.78 8.66
C ASP A 42 0.05 -7.55 9.55
N VAL A 43 -1.05 -7.05 8.97
CA VAL A 43 -2.26 -6.77 9.76
C VAL A 43 -3.40 -6.23 8.90
N VAL A 44 -3.55 -4.90 8.83
CA VAL A 44 -4.63 -4.32 8.03
C VAL A 44 -4.64 -2.79 8.07
N SER A 45 -4.61 -2.20 6.88
CA SER A 45 -4.68 -0.74 6.70
C SER A 45 -3.48 0.01 7.27
N GLU A 46 -2.42 -0.71 7.66
CA GLU A 46 -1.24 -0.06 8.21
C GLU A 46 -0.17 -1.05 8.66
N TYR A 47 1.03 -0.53 8.90
CA TYR A 47 2.16 -1.33 9.36
C TYR A 47 2.67 -0.79 10.69
N GLY A 1 13.04 2.77 -10.58
CA GLY A 1 12.53 3.94 -9.81
C GLY A 1 11.12 3.73 -9.31
N SER A 2 10.31 4.78 -9.35
CA SER A 2 8.93 4.72 -8.88
C SER A 2 8.87 4.36 -7.40
N GLY A 3 7.68 4.46 -6.82
CA GLY A 3 7.51 4.14 -5.41
C GLY A 3 7.32 5.38 -4.56
N GLU A 4 6.34 5.32 -3.65
CA GLU A 4 6.03 6.43 -2.76
C GLU A 4 5.85 7.74 -3.54
N VAL A 5 5.55 7.62 -4.84
CA VAL A 5 5.34 8.77 -5.70
C VAL A 5 3.96 9.41 -5.54
N ASN A 6 3.08 8.80 -4.74
CA ASN A 6 1.70 9.31 -4.56
C ASN A 6 1.15 9.84 -5.88
N LYS A 7 0.58 8.97 -6.70
CA LYS A 7 0.07 9.36 -7.99
C LYS A 7 -1.11 8.48 -8.41
N ILE A 8 -1.11 8.02 -9.66
CA ILE A 8 -2.19 7.20 -10.18
C ILE A 8 -1.79 5.73 -10.33
N ILE A 9 -2.15 4.93 -9.35
CA ILE A 9 -1.84 3.53 -9.37
C ILE A 9 -3.05 2.66 -9.01
N GLY A 10 -2.91 1.34 -9.14
CA GLY A 10 -4.00 0.43 -8.84
C GLY A 10 -3.81 -0.17 -7.47
N SER A 11 -4.85 -0.79 -6.90
CA SER A 11 -4.76 -1.32 -5.55
C SER A 11 -5.76 -2.46 -5.29
N ARG A 12 -5.24 -3.69 -5.17
CA ARG A 12 -6.07 -4.87 -4.92
C ARG A 12 -5.27 -5.98 -4.21
N THR A 13 -5.48 -6.17 -2.91
CA THR A 13 -4.72 -7.22 -2.21
C THR A 13 -5.57 -8.44 -1.86
N ALA A 14 -6.30 -8.38 -0.76
CA ALA A 14 -7.11 -9.52 -0.32
C ALA A 14 -8.40 -9.08 0.37
N GLY A 15 -8.28 -8.22 1.37
CA GLY A 15 -9.46 -7.75 2.08
C GLY A 15 -9.47 -8.17 3.53
N GLU A 16 -8.98 -9.37 3.82
CA GLU A 16 -8.95 -9.87 5.19
C GLU A 16 -8.13 -8.93 6.06
N GLY A 17 -7.16 -8.27 5.43
CA GLY A 17 -6.32 -7.32 6.13
C GLY A 17 -5.84 -6.25 5.18
N ALA A 18 -5.37 -6.67 4.01
CA ALA A 18 -4.90 -5.72 3.02
C ALA A 18 -5.68 -5.88 1.71
N MET A 19 -5.96 -4.74 1.04
CA MET A 19 -6.66 -4.79 -0.22
C MET A 19 -6.35 -3.58 -1.12
N GLU A 20 -5.08 -3.14 -1.14
CA GLU A 20 -4.69 -2.02 -1.98
C GLU A 20 -3.26 -2.19 -2.51
N TYR A 21 -2.49 -1.12 -2.79
CA TYR A 21 -1.19 -1.36 -3.42
C TYR A 21 -0.04 -0.35 -3.21
N LEU A 22 0.15 0.56 -4.19
CA LEU A 22 1.27 1.50 -4.17
C LEU A 22 0.83 2.95 -4.16
N ILE A 23 1.80 3.82 -3.90
CA ILE A 23 1.60 5.26 -3.83
C ILE A 23 0.27 5.58 -3.17
N GLU A 24 -0.46 6.59 -3.62
CA GLU A 24 -1.70 6.95 -2.95
C GLU A 24 -1.44 7.14 -1.45
N TRP A 25 -0.15 7.37 -1.11
CA TRP A 25 0.27 7.57 0.26
C TRP A 25 1.53 8.42 0.30
N LYS A 26 2.15 8.60 1.47
CA LYS A 26 3.32 9.44 1.57
C LYS A 26 4.54 8.69 2.13
N ASP A 27 5.00 7.68 1.40
CA ASP A 27 6.17 6.92 1.81
C ASP A 27 6.13 6.55 3.29
N GLY A 28 4.93 6.44 3.86
CA GLY A 28 4.84 6.08 5.27
C GLY A 28 5.71 4.90 5.61
N HIS A 29 5.46 3.74 4.99
CA HIS A 29 6.28 2.58 5.25
C HIS A 29 6.68 1.87 3.97
N SER A 30 7.87 2.18 3.47
CA SER A 30 8.39 1.52 2.26
C SER A 30 7.34 1.24 1.19
N PRO A 31 7.29 2.00 0.06
CA PRO A 31 6.35 1.75 -1.05
C PRO A 31 6.05 0.26 -1.15
N SER A 32 4.78 -0.10 -0.94
CA SER A 32 4.40 -1.51 -0.86
C SER A 32 3.13 -1.84 -1.64
N TRP A 33 2.41 -2.86 -1.14
CA TRP A 33 1.12 -3.28 -1.65
C TRP A 33 0.23 -3.50 -0.44
N VAL A 34 -0.52 -2.47 -0.10
CA VAL A 34 -1.39 -2.51 1.06
C VAL A 34 -2.53 -1.53 0.99
N PRO A 35 -3.55 -1.79 1.83
CA PRO A 35 -4.78 -0.98 2.02
C PRO A 35 -4.55 0.48 2.38
N SER A 36 -4.10 1.28 1.43
CA SER A 36 -3.92 2.69 1.67
C SER A 36 -2.84 2.97 2.69
N SER A 37 -1.93 2.01 2.85
CA SER A 37 -0.83 2.17 3.77
C SER A 37 0.41 1.42 3.26
N TYR A 38 0.96 0.50 4.05
CA TYR A 38 2.14 -0.28 3.67
C TYR A 38 2.39 -1.26 4.79
N ILE A 39 2.11 -2.50 4.51
CA ILE A 39 2.20 -3.55 5.49
C ILE A 39 1.93 -4.86 4.80
N ALA A 40 2.46 -4.96 3.60
CA ALA A 40 2.29 -6.16 2.81
C ALA A 40 3.20 -7.26 3.30
N ALA A 41 2.68 -8.03 4.23
CA ALA A 41 3.40 -9.15 4.82
C ALA A 41 2.54 -9.79 5.90
N ASP A 42 1.77 -8.96 6.61
CA ASP A 42 0.91 -9.46 7.67
C ASP A 42 -0.56 -9.55 7.22
N VAL A 43 -1.37 -8.55 7.58
CA VAL A 43 -2.80 -8.57 7.25
C VAL A 43 -3.53 -7.38 7.90
N VAL A 44 -3.26 -6.15 7.45
CA VAL A 44 -3.93 -4.99 8.06
C VAL A 44 -4.00 -3.76 7.15
N SER A 45 -4.77 -2.77 7.61
CA SER A 45 -4.98 -1.52 6.89
C SER A 45 -3.86 -0.50 7.13
N GLU A 46 -2.78 -0.95 7.77
CA GLU A 46 -1.65 -0.05 8.06
C GLU A 46 -0.54 -0.77 8.80
N TYR A 47 0.66 -0.17 8.77
CA TYR A 47 1.83 -0.74 9.43
C TYR A 47 1.54 -1.01 10.90
N GLY A 1 11.90 7.27 -9.90
CA GLY A 1 12.07 5.99 -9.14
C GLY A 1 11.04 4.95 -9.55
N SER A 2 10.45 4.29 -8.55
CA SER A 2 9.45 3.27 -8.80
C SER A 2 8.53 3.10 -7.60
N GLY A 3 7.83 4.17 -7.24
CA GLY A 3 6.93 4.11 -6.11
C GLY A 3 7.16 5.24 -5.13
N GLU A 4 6.32 5.30 -4.09
CA GLU A 4 6.42 6.33 -3.07
C GLU A 4 6.35 7.74 -3.70
N VAL A 5 5.85 7.81 -4.93
CA VAL A 5 5.73 9.08 -5.62
C VAL A 5 4.28 9.54 -5.70
N ASN A 6 3.35 8.71 -5.22
CA ASN A 6 1.93 9.06 -5.24
C ASN A 6 1.54 9.63 -6.60
N LYS A 7 1.33 8.73 -7.55
CA LYS A 7 0.97 9.10 -8.91
C LYS A 7 -0.01 8.08 -9.51
N ILE A 8 0.46 7.21 -10.41
CA ILE A 8 -0.38 6.19 -11.00
C ILE A 8 -0.37 4.97 -10.09
N ILE A 9 -1.45 4.79 -9.34
CA ILE A 9 -1.53 3.70 -8.39
C ILE A 9 -2.41 2.56 -8.87
N GLY A 10 -2.28 1.44 -8.18
CA GLY A 10 -3.05 0.26 -8.46
C GLY A 10 -3.41 -0.36 -7.15
N SER A 11 -4.62 -0.85 -6.98
CA SER A 11 -4.98 -1.37 -5.68
C SER A 11 -5.90 -2.56 -5.74
N ARG A 12 -5.31 -3.73 -5.48
CA ARG A 12 -6.05 -4.98 -5.46
C ARG A 12 -5.30 -6.05 -4.68
N THR A 13 -5.66 -6.33 -3.43
CA THR A 13 -4.94 -7.37 -2.70
C THR A 13 -5.81 -8.57 -2.31
N ALA A 14 -6.47 -8.52 -1.15
CA ALA A 14 -7.28 -9.65 -0.72
C ALA A 14 -8.48 -9.23 0.11
N GLY A 15 -8.22 -8.56 1.23
CA GLY A 15 -9.32 -8.13 2.09
C GLY A 15 -9.15 -8.62 3.51
N GLU A 16 -8.60 -9.82 3.66
CA GLU A 16 -8.38 -10.39 4.98
C GLU A 16 -7.48 -9.46 5.78
N GLY A 17 -6.61 -8.76 5.07
CA GLY A 17 -5.71 -7.82 5.68
C GLY A 17 -5.46 -6.64 4.77
N ALA A 18 -5.16 -6.93 3.50
CA ALA A 18 -4.90 -5.89 2.52
C ALA A 18 -5.78 -6.06 1.29
N MET A 19 -6.09 -4.95 0.60
CA MET A 19 -6.89 -4.99 -0.62
C MET A 19 -6.54 -3.82 -1.57
N GLU A 20 -5.35 -3.24 -1.42
CA GLU A 20 -4.95 -2.13 -2.29
C GLU A 20 -3.43 -2.13 -2.52
N TYR A 21 -2.97 -1.18 -3.34
CA TYR A 21 -1.55 -1.04 -3.66
C TYR A 21 -1.21 0.37 -4.16
N LEU A 22 -1.59 1.39 -3.43
CA LEU A 22 -1.31 2.74 -3.90
C LEU A 22 -0.28 3.50 -3.12
N ILE A 23 0.83 3.76 -3.82
CA ILE A 23 1.94 4.49 -3.28
C ILE A 23 1.52 5.84 -2.72
N GLU A 24 0.33 6.31 -3.10
CA GLU A 24 -0.17 7.58 -2.61
C GLU A 24 -0.46 7.51 -1.11
N TRP A 25 0.60 7.34 -0.33
CA TRP A 25 0.48 7.29 1.12
C TRP A 25 1.68 7.97 1.76
N LYS A 26 2.20 8.98 1.08
CA LYS A 26 3.33 9.75 1.57
C LYS A 26 4.55 8.89 1.80
N ASP A 27 4.74 7.87 0.96
CA ASP A 27 5.89 6.98 1.08
C ASP A 27 6.14 6.58 2.54
N GLY A 28 5.06 6.54 3.33
CA GLY A 28 5.19 6.17 4.72
C GLY A 28 6.03 4.93 4.92
N HIS A 29 5.57 3.81 4.37
CA HIS A 29 6.30 2.56 4.48
C HIS A 29 6.35 1.86 3.14
N SER A 30 7.43 2.12 2.41
CA SER A 30 7.70 1.50 1.11
C SER A 30 6.48 1.32 0.18
N PRO A 31 6.46 1.99 -1.03
CA PRO A 31 5.42 1.77 -2.08
C PRO A 31 5.00 0.33 -2.02
N SER A 32 3.96 0.11 -1.26
CA SER A 32 3.53 -1.24 -0.97
C SER A 32 2.22 -1.61 -1.58
N TRP A 33 1.95 -2.89 -1.56
CA TRP A 33 0.70 -3.36 -2.06
C TRP A 33 -0.18 -3.55 -0.84
N VAL A 34 -0.91 -2.49 -0.50
CA VAL A 34 -1.77 -2.52 0.66
C VAL A 34 -2.93 -1.51 0.61
N PRO A 35 -3.89 -1.71 1.52
CA PRO A 35 -5.09 -0.88 1.71
C PRO A 35 -4.89 0.54 2.25
N SER A 36 -4.46 1.45 1.39
CA SER A 36 -4.36 2.86 1.76
C SER A 36 -3.15 3.17 2.64
N SER A 37 -2.21 2.25 2.72
CA SER A 37 -0.99 2.48 3.47
C SER A 37 0.13 1.50 3.10
N TYR A 38 0.49 0.60 3.99
CA TYR A 38 1.58 -0.35 3.77
C TYR A 38 1.55 -1.29 4.96
N ILE A 39 1.64 -2.57 4.73
CA ILE A 39 1.51 -3.51 5.84
C ILE A 39 2.32 -4.76 5.59
N ALA A 40 3.38 -4.61 4.84
CA ALA A 40 4.20 -5.75 4.52
C ALA A 40 4.77 -6.36 5.79
N ALA A 41 4.01 -7.31 6.36
CA ALA A 41 4.36 -8.01 7.60
C ALA A 41 3.10 -8.50 8.31
N ASP A 42 2.10 -8.96 7.55
CA ASP A 42 0.85 -9.46 8.10
C ASP A 42 0.16 -8.43 9.00
N VAL A 43 -0.65 -7.56 8.39
CA VAL A 43 -1.40 -6.54 9.15
C VAL A 43 -2.70 -6.20 8.42
N VAL A 44 -3.26 -5.01 8.67
CA VAL A 44 -4.51 -4.64 8.02
C VAL A 44 -4.75 -3.12 7.99
N SER A 45 -4.87 -2.58 6.77
CA SER A 45 -5.17 -1.16 6.56
C SER A 45 -4.07 -0.23 7.08
N GLU A 46 -2.94 -0.80 7.49
CA GLU A 46 -1.83 0.00 8.02
C GLU A 46 -0.64 -0.86 8.43
N TYR A 47 0.55 -0.27 8.43
CA TYR A 47 1.77 -0.97 8.81
C TYR A 47 1.78 -1.26 10.31
N GLY A 1 13.17 2.65 -10.95
CA GLY A 1 12.90 3.27 -9.62
C GLY A 1 11.55 3.96 -9.56
N SER A 2 10.55 3.26 -9.01
CA SER A 2 9.21 3.82 -8.90
C SER A 2 8.58 3.45 -7.56
N GLY A 3 7.94 4.44 -6.93
CA GLY A 3 7.31 4.22 -5.64
C GLY A 3 7.43 5.41 -4.71
N GLU A 4 6.48 5.53 -3.78
CA GLU A 4 6.47 6.63 -2.82
C GLU A 4 6.26 8.00 -3.51
N VAL A 5 6.03 8.00 -4.82
CA VAL A 5 5.80 9.21 -5.60
C VAL A 5 4.36 9.69 -5.43
N ASN A 6 3.45 8.72 -5.44
CA ASN A 6 2.01 8.97 -5.30
C ASN A 6 1.46 9.40 -6.64
N LYS A 7 1.38 8.44 -7.57
CA LYS A 7 0.95 8.73 -8.93
C LYS A 7 0.29 7.52 -9.62
N ILE A 8 1.00 6.91 -10.59
CA ILE A 8 0.51 5.76 -11.35
C ILE A 8 0.64 4.50 -10.53
N ILE A 9 -0.43 4.10 -9.88
CA ILE A 9 -0.37 2.93 -9.06
C ILE A 9 -1.75 2.25 -8.93
N GLY A 10 -1.78 1.05 -8.35
CA GLY A 10 -3.01 0.29 -8.28
C GLY A 10 -3.30 -0.18 -6.87
N SER A 11 -4.49 -0.70 -6.65
CA SER A 11 -4.84 -1.13 -5.32
C SER A 11 -5.86 -2.28 -5.30
N ARG A 12 -5.38 -3.49 -5.06
CA ARG A 12 -6.27 -4.65 -4.94
C ARG A 12 -5.55 -5.83 -4.28
N THR A 13 -5.71 -6.04 -2.97
CA THR A 13 -5.07 -7.20 -2.36
C THR A 13 -6.02 -8.32 -2.04
N ALA A 14 -6.74 -8.23 -0.92
CA ALA A 14 -7.64 -9.31 -0.53
C ALA A 14 -8.83 -8.81 0.28
N GLY A 15 -8.54 -8.13 1.38
CA GLY A 15 -9.61 -7.63 2.23
C GLY A 15 -9.49 -8.15 3.65
N GLU A 16 -9.22 -9.45 3.77
CA GLU A 16 -9.06 -10.07 5.07
C GLU A 16 -7.90 -9.39 5.79
N GLY A 17 -6.92 -8.95 5.01
CA GLY A 17 -5.78 -8.26 5.54
C GLY A 17 -5.48 -7.00 4.75
N ALA A 18 -5.05 -7.17 3.51
CA ALA A 18 -4.76 -6.04 2.64
C ALA A 18 -5.76 -5.96 1.51
N MET A 19 -5.95 -4.77 0.94
CA MET A 19 -6.89 -4.62 -0.18
C MET A 19 -6.57 -3.46 -1.12
N GLU A 20 -5.35 -2.92 -1.04
CA GLU A 20 -4.95 -1.82 -1.92
C GLU A 20 -3.43 -1.84 -2.14
N TYR A 21 -2.88 -0.93 -2.94
CA TYR A 21 -1.44 -0.91 -3.19
C TYR A 21 -0.90 0.43 -3.71
N LEU A 22 -1.67 1.48 -3.63
CA LEU A 22 -1.24 2.73 -4.19
C LEU A 22 -0.38 3.62 -3.32
N ILE A 23 0.76 3.95 -3.94
CA ILE A 23 1.75 4.87 -3.44
C ILE A 23 1.08 6.16 -2.97
N GLU A 24 -0.12 6.43 -3.51
CA GLU A 24 -0.92 7.60 -3.18
C GLU A 24 -0.68 8.09 -1.75
N TRP A 25 -0.38 7.17 -0.85
CA TRP A 25 -0.07 7.51 0.53
C TRP A 25 1.10 8.51 0.54
N LYS A 26 1.76 8.70 1.68
CA LYS A 26 2.86 9.66 1.75
C LYS A 26 4.18 8.94 2.03
N ASP A 27 4.51 7.96 1.19
CA ASP A 27 5.73 7.20 1.32
C ASP A 27 5.99 6.81 2.77
N GLY A 28 4.91 6.66 3.53
CA GLY A 28 5.05 6.28 4.93
C GLY A 28 5.95 5.08 5.12
N HIS A 29 5.53 3.93 4.61
CA HIS A 29 6.34 2.73 4.72
C HIS A 29 6.40 1.99 3.40
N SER A 30 7.44 2.28 2.64
CA SER A 30 7.70 1.63 1.36
C SER A 30 6.49 1.41 0.45
N PRO A 31 6.41 2.08 -0.75
CA PRO A 31 5.36 1.83 -1.78
C PRO A 31 4.97 0.38 -1.71
N SER A 32 3.90 0.15 -0.98
CA SER A 32 3.49 -1.21 -0.67
C SER A 32 2.14 -1.56 -1.18
N TRP A 33 1.81 -2.82 -0.96
CA TRP A 33 0.53 -3.33 -1.34
C TRP A 33 -0.31 -3.46 -0.06
N VAL A 34 -1.17 -2.47 0.16
CA VAL A 34 -1.99 -2.38 1.37
C VAL A 34 -3.31 -1.63 1.11
N PRO A 35 -4.36 -1.89 1.93
CA PRO A 35 -5.68 -1.27 1.80
C PRO A 35 -5.69 0.27 1.81
N SER A 36 -4.59 0.91 2.19
CA SER A 36 -4.56 2.37 2.25
C SER A 36 -3.25 2.92 2.84
N SER A 37 -2.49 2.10 3.57
CA SER A 37 -1.24 2.55 4.14
C SER A 37 -0.04 1.81 3.53
N TYR A 38 0.43 0.75 4.19
CA TYR A 38 1.60 -0.04 3.75
C TYR A 38 1.78 -1.16 4.73
N ILE A 39 1.77 -2.39 4.26
CA ILE A 39 1.87 -3.52 5.15
C ILE A 39 2.62 -4.65 4.52
N ALA A 40 3.58 -4.28 3.69
CA ALA A 40 4.38 -5.26 3.01
C ALA A 40 5.11 -6.14 4.00
N ALA A 41 4.46 -7.24 4.38
CA ALA A 41 5.00 -8.20 5.33
C ALA A 41 3.87 -9.08 5.86
N ASP A 42 2.90 -8.44 6.53
CA ASP A 42 1.75 -9.14 7.10
C ASP A 42 0.99 -8.26 8.09
N VAL A 43 0.11 -7.39 7.57
CA VAL A 43 -0.70 -6.52 8.44
C VAL A 43 -2.07 -6.27 7.80
N VAL A 44 -2.75 -5.19 8.21
CA VAL A 44 -4.07 -4.92 7.66
C VAL A 44 -4.38 -3.42 7.54
N SER A 45 -4.43 -2.93 6.31
CA SER A 45 -4.75 -1.53 6.04
C SER A 45 -3.86 -0.56 6.80
N GLU A 46 -2.73 -1.04 7.33
CA GLU A 46 -1.84 -0.18 8.08
C GLU A 46 -0.64 -0.96 8.63
N TYR A 47 0.56 -0.39 8.44
CA TYR A 47 1.77 -1.04 8.92
C TYR A 47 1.72 -1.24 10.43
N GLY A 1 12.82 5.34 -8.46
CA GLY A 1 11.90 4.48 -9.26
C GLY A 1 11.45 3.25 -8.51
N SER A 2 10.93 3.44 -7.31
CA SER A 2 10.46 2.33 -6.48
C SER A 2 8.99 2.51 -6.12
N GLY A 3 8.65 3.67 -5.58
CA GLY A 3 7.28 3.94 -5.20
C GLY A 3 7.12 5.28 -4.50
N GLU A 4 6.12 5.37 -3.62
CA GLU A 4 5.85 6.59 -2.87
C GLU A 4 5.91 7.84 -3.75
N VAL A 5 5.65 7.65 -5.04
CA VAL A 5 5.67 8.74 -6.01
C VAL A 5 4.39 9.56 -5.97
N ASN A 6 3.35 9.07 -5.28
CA ASN A 6 2.06 9.76 -5.22
C ASN A 6 1.68 10.28 -6.60
N LYS A 7 1.14 9.37 -7.40
CA LYS A 7 0.77 9.66 -8.76
C LYS A 7 -0.42 8.77 -9.16
N ILE A 8 -0.35 8.17 -10.35
CA ILE A 8 -1.39 7.29 -10.83
C ILE A 8 -1.05 5.84 -10.54
N ILE A 9 -1.82 5.21 -9.68
CA ILE A 9 -1.53 3.85 -9.35
C ILE A 9 -2.80 3.06 -8.96
N GLY A 10 -2.66 1.75 -8.87
CA GLY A 10 -3.78 0.88 -8.56
C GLY A 10 -3.72 0.36 -7.14
N SER A 11 -4.83 -0.24 -6.69
CA SER A 11 -4.93 -0.76 -5.33
C SER A 11 -5.94 -1.91 -5.25
N ARG A 12 -5.43 -3.13 -5.17
CA ARG A 12 -6.30 -4.31 -5.05
C ARG A 12 -5.54 -5.48 -4.43
N THR A 13 -5.73 -5.78 -3.16
CA THR A 13 -5.02 -6.90 -2.55
C THR A 13 -5.93 -8.09 -2.20
N ALA A 14 -6.58 -8.04 -1.05
CA ALA A 14 -7.45 -9.15 -0.64
C ALA A 14 -8.64 -8.69 0.21
N GLY A 15 -8.34 -7.99 1.31
CA GLY A 15 -9.40 -7.51 2.17
C GLY A 15 -9.30 -8.06 3.57
N GLU A 16 -8.96 -9.34 3.68
CA GLU A 16 -8.82 -9.99 4.98
C GLU A 16 -7.75 -9.28 5.82
N GLY A 17 -6.83 -8.63 5.12
CA GLY A 17 -5.77 -7.91 5.79
C GLY A 17 -5.31 -6.71 4.98
N ALA A 18 -5.12 -6.92 3.68
CA ALA A 18 -4.70 -5.85 2.79
C ALA A 18 -5.59 -5.83 1.56
N MET A 19 -5.75 -4.66 0.93
CA MET A 19 -6.62 -4.58 -0.24
C MET A 19 -6.40 -3.33 -1.09
N GLU A 20 -5.17 -2.83 -1.14
CA GLU A 20 -4.86 -1.67 -1.97
C GLU A 20 -3.40 -1.76 -2.41
N TYR A 21 -2.72 -0.69 -2.84
CA TYR A 21 -1.36 -0.96 -3.32
C TYR A 21 -0.28 0.09 -3.28
N LEU A 22 -0.31 0.97 -4.23
CA LEU A 22 0.78 1.92 -4.36
C LEU A 22 0.41 3.36 -4.11
N ILE A 23 1.48 4.13 -3.95
CA ILE A 23 1.47 5.55 -3.69
C ILE A 23 0.17 6.03 -3.04
N GLU A 24 -0.22 7.25 -3.28
CA GLU A 24 -1.43 7.75 -2.67
C GLU A 24 -1.24 7.77 -1.15
N TRP A 25 0.02 7.68 -0.70
CA TRP A 25 0.34 7.69 0.72
C TRP A 25 1.74 8.24 0.97
N LYS A 26 2.14 9.16 0.11
CA LYS A 26 3.42 9.88 0.17
C LYS A 26 4.48 9.24 1.08
N ASP A 27 5.08 8.15 0.60
CA ASP A 27 6.17 7.48 1.33
C ASP A 27 5.95 7.44 2.85
N GLY A 28 4.95 6.69 3.30
CA GLY A 28 4.74 6.57 4.73
C GLY A 28 5.55 5.43 5.28
N HIS A 29 5.28 4.22 4.82
CA HIS A 29 6.05 3.06 5.24
C HIS A 29 6.42 2.23 4.01
N SER A 30 7.61 2.47 3.49
CA SER A 30 8.12 1.73 2.33
C SER A 30 7.04 1.41 1.29
N PRO A 31 6.90 2.20 0.18
CA PRO A 31 5.97 1.92 -0.91
C PRO A 31 5.68 0.42 -1.01
N SER A 32 4.50 0.05 -0.57
CA SER A 32 4.13 -1.36 -0.48
C SER A 32 2.88 -1.69 -1.29
N TRP A 33 2.13 -2.69 -0.83
CA TRP A 33 0.86 -3.06 -1.41
C TRP A 33 -0.09 -3.33 -0.24
N VAL A 34 -0.85 -2.31 0.14
CA VAL A 34 -1.74 -2.40 1.30
C VAL A 34 -2.90 -1.40 1.21
N PRO A 35 -3.95 -1.58 2.04
CA PRO A 35 -5.11 -0.69 2.07
C PRO A 35 -4.83 0.75 2.50
N SER A 36 -4.36 1.56 1.57
CA SER A 36 -4.16 2.97 1.85
C SER A 36 -3.11 3.18 2.92
N SER A 37 -2.18 2.24 3.01
CA SER A 37 -1.11 2.32 3.97
C SER A 37 0.13 1.59 3.46
N TYR A 38 0.70 0.68 4.24
CA TYR A 38 1.90 -0.02 3.84
C TYR A 38 2.21 -1.04 4.91
N ILE A 39 1.87 -2.26 4.60
CA ILE A 39 2.03 -3.35 5.53
C ILE A 39 2.06 -4.63 4.75
N ALA A 40 3.17 -4.80 4.08
CA ALA A 40 3.37 -5.98 3.28
C ALA A 40 3.26 -7.24 4.13
N ALA A 41 2.06 -7.75 4.20
CA ALA A 41 1.76 -8.95 4.97
C ALA A 41 0.39 -9.51 4.60
N ASP A 42 -0.55 -8.61 4.32
CA ASP A 42 -1.91 -8.98 3.96
C ASP A 42 -2.73 -9.32 5.21
N VAL A 43 -2.38 -8.66 6.31
CA VAL A 43 -3.10 -8.90 7.56
C VAL A 43 -3.60 -7.61 8.22
N VAL A 44 -3.28 -6.45 7.63
CA VAL A 44 -3.71 -5.16 8.18
C VAL A 44 -3.72 -4.06 7.12
N SER A 45 -4.57 -3.06 7.34
CA SER A 45 -4.70 -1.92 6.43
C SER A 45 -3.81 -0.77 6.88
N GLU A 46 -2.79 -1.06 7.66
CA GLU A 46 -1.90 -0.01 8.14
C GLU A 46 -0.77 -0.57 9.02
N TYR A 47 0.42 0.02 8.85
CA TYR A 47 1.59 -0.39 9.61
C TYR A 47 1.90 0.61 10.72
N GLY A 1 13.87 4.68 -3.60
CA GLY A 1 13.15 3.37 -3.50
C GLY A 1 12.46 3.00 -4.79
N SER A 2 11.18 2.66 -4.70
CA SER A 2 10.41 2.27 -5.88
C SER A 2 9.22 3.19 -6.08
N GLY A 3 8.36 3.29 -5.07
CA GLY A 3 7.20 4.15 -5.16
C GLY A 3 7.36 5.45 -4.39
N GLU A 4 6.41 5.74 -3.49
CA GLU A 4 6.48 6.95 -2.67
C GLU A 4 6.46 8.23 -3.53
N VAL A 5 6.01 8.09 -4.77
CA VAL A 5 5.94 9.21 -5.69
C VAL A 5 4.51 9.67 -5.92
N ASN A 6 3.54 8.89 -5.43
CA ASN A 6 2.14 9.22 -5.61
C ASN A 6 1.85 9.51 -7.08
N LYS A 7 1.52 8.45 -7.82
CA LYS A 7 1.25 8.54 -9.23
C LYS A 7 0.05 7.67 -9.57
N ILE A 8 0.04 7.11 -10.76
CA ILE A 8 -1.05 6.23 -11.16
C ILE A 8 -1.04 4.98 -10.29
N ILE A 9 -2.13 4.77 -9.55
CA ILE A 9 -2.21 3.64 -8.66
C ILE A 9 -3.49 2.83 -8.82
N GLY A 10 -3.31 1.51 -8.82
CA GLY A 10 -4.41 0.57 -8.88
C GLY A 10 -4.40 -0.23 -7.60
N SER A 11 -5.34 0.05 -6.69
CA SER A 11 -5.32 -0.60 -5.40
C SER A 11 -6.32 -1.74 -5.24
N ARG A 12 -5.74 -2.93 -5.22
CA ARG A 12 -6.50 -4.17 -5.03
C ARG A 12 -5.63 -5.32 -4.51
N THR A 13 -5.72 -5.66 -3.22
CA THR A 13 -4.91 -6.79 -2.70
C THR A 13 -5.78 -7.99 -2.30
N ALA A 14 -6.34 -7.95 -1.09
CA ALA A 14 -7.16 -9.06 -0.60
C ALA A 14 -8.38 -8.56 0.16
N GLY A 15 -8.15 -7.66 1.12
CA GLY A 15 -9.24 -7.11 1.89
C GLY A 15 -9.24 -7.58 3.33
N GLU A 16 -9.01 -8.87 3.53
CA GLU A 16 -8.97 -9.44 4.88
C GLU A 16 -7.89 -8.74 5.70
N GLY A 17 -6.90 -8.19 4.99
CA GLY A 17 -5.81 -7.48 5.64
C GLY A 17 -5.36 -6.33 4.76
N ALA A 18 -4.73 -6.66 3.64
CA ALA A 18 -4.28 -5.67 2.70
C ALA A 18 -5.19 -5.66 1.50
N MET A 19 -5.35 -4.51 0.85
CA MET A 19 -6.23 -4.46 -0.29
C MET A 19 -6.05 -3.24 -1.16
N GLU A 20 -4.81 -2.82 -1.44
CA GLU A 20 -4.64 -1.65 -2.29
C GLU A 20 -3.41 -1.72 -3.25
N TYR A 21 -2.80 -0.57 -3.52
CA TYR A 21 -1.71 -0.41 -4.51
C TYR A 21 -0.44 -0.06 -3.88
N LEU A 22 0.56 0.21 -4.71
CA LEU A 22 1.79 0.64 -4.15
C LEU A 22 2.36 1.96 -4.73
N ILE A 23 1.83 3.14 -4.30
CA ILE A 23 2.44 4.44 -4.65
C ILE A 23 1.42 5.60 -4.68
N GLU A 24 0.95 6.00 -3.50
CA GLU A 24 0.00 7.12 -3.37
C GLU A 24 -0.41 7.36 -1.92
N TRP A 25 0.56 7.66 -1.05
CA TRP A 25 0.28 7.90 0.37
C TRP A 25 1.36 8.80 0.98
N LYS A 26 1.94 9.67 0.16
CA LYS A 26 2.95 10.60 0.62
C LYS A 26 4.10 9.85 1.30
N ASP A 27 4.25 8.57 0.98
CA ASP A 27 5.29 7.76 1.56
C ASP A 27 5.18 7.69 3.07
N GLY A 28 4.80 6.53 3.56
CA GLY A 28 4.68 6.28 4.97
C GLY A 28 5.60 5.15 5.38
N HIS A 29 5.34 3.97 4.82
CA HIS A 29 6.19 2.82 5.11
C HIS A 29 6.50 2.08 3.82
N SER A 30 7.63 2.39 3.20
CA SER A 30 8.05 1.74 1.97
C SER A 30 6.89 1.49 1.00
N PRO A 31 6.73 2.32 -0.09
CA PRO A 31 5.70 2.12 -1.13
C PRO A 31 5.30 0.65 -1.18
N SER A 32 4.03 0.36 -1.05
CA SER A 32 3.63 -1.03 -0.90
C SER A 32 2.24 -1.35 -1.36
N TRP A 33 2.05 -2.48 -2.04
CA TRP A 33 0.73 -2.89 -2.42
C TRP A 33 0.18 -3.58 -1.22
N VAL A 34 -0.57 -2.80 -0.47
CA VAL A 34 -1.12 -3.24 0.79
C VAL A 34 -2.44 -2.47 1.02
N PRO A 35 -3.00 -2.34 2.24
CA PRO A 35 -4.28 -1.63 2.41
C PRO A 35 -4.19 -0.15 2.79
N SER A 36 -4.33 0.71 1.81
CA SER A 36 -4.36 2.15 2.00
C SER A 36 -3.13 2.65 2.74
N SER A 37 -2.09 1.84 2.78
CA SER A 37 -0.89 2.23 3.45
C SER A 37 0.31 1.35 3.04
N TYR A 38 0.79 0.50 3.95
CA TYR A 38 1.96 -0.34 3.69
C TYR A 38 2.15 -1.18 4.90
N ILE A 39 1.74 -2.41 4.80
CA ILE A 39 1.79 -3.31 5.92
C ILE A 39 1.77 -4.74 5.44
N ALA A 40 2.88 -5.15 4.84
CA ALA A 40 3.00 -6.51 4.35
C ALA A 40 3.75 -7.38 5.35
N ALA A 41 2.98 -8.01 6.23
CA ALA A 41 3.54 -8.88 7.25
C ALA A 41 2.55 -10.00 7.57
N ASP A 42 1.28 -9.62 7.71
CA ASP A 42 0.23 -10.57 8.00
C ASP A 42 -1.06 -10.22 7.26
N VAL A 43 -1.74 -9.18 7.73
CA VAL A 43 -3.02 -8.76 7.14
C VAL A 43 -3.64 -7.61 7.94
N VAL A 44 -3.09 -6.40 7.82
CA VAL A 44 -3.63 -5.24 8.56
C VAL A 44 -3.79 -4.02 7.66
N SER A 45 -4.77 -3.18 8.00
CA SER A 45 -5.09 -1.97 7.21
C SER A 45 -4.02 -0.87 7.27
N GLU A 46 -2.93 -1.13 7.96
CA GLU A 46 -1.83 -0.17 8.06
C GLU A 46 -0.69 -0.73 8.90
N TYR A 47 0.52 -0.23 8.68
CA TYR A 47 1.67 -0.71 9.43
C TYR A 47 1.48 -0.45 10.93
N GLY A 1 7.34 -1.50 -9.58
CA GLY A 1 7.38 -0.05 -9.93
C GLY A 1 8.44 0.71 -9.15
N SER A 2 8.14 1.97 -8.81
CA SER A 2 9.07 2.80 -8.06
C SER A 2 8.67 2.86 -6.59
N GLY A 3 7.48 3.41 -6.33
CA GLY A 3 7.01 3.51 -4.96
C GLY A 3 7.32 4.84 -4.34
N GLU A 4 6.54 5.25 -3.34
CA GLU A 4 6.75 6.53 -2.68
C GLU A 4 6.85 7.63 -3.73
N VAL A 5 5.82 7.69 -4.57
CA VAL A 5 5.80 8.68 -5.63
C VAL A 5 4.46 9.43 -5.70
N ASN A 6 3.39 8.82 -5.19
CA ASN A 6 2.06 9.46 -5.22
C ASN A 6 1.77 9.93 -6.63
N LYS A 7 1.38 8.99 -7.49
CA LYS A 7 1.13 9.30 -8.89
C LYS A 7 -0.12 8.60 -9.45
N ILE A 8 0.06 7.47 -10.13
CA ILE A 8 -1.06 6.74 -10.73
C ILE A 8 -0.87 5.25 -10.50
N ILE A 9 -1.76 4.65 -9.71
CA ILE A 9 -1.64 3.25 -9.39
C ILE A 9 -3.02 2.60 -9.14
N GLY A 10 -3.05 1.27 -9.14
CA GLY A 10 -4.29 0.51 -8.93
C GLY A 10 -4.22 -0.21 -7.61
N SER A 11 -5.11 0.16 -6.67
CA SER A 11 -5.04 -0.41 -5.33
C SER A 11 -6.04 -1.50 -5.10
N ARG A 12 -5.48 -2.69 -5.08
CA ARG A 12 -6.25 -3.92 -4.88
C ARG A 12 -5.37 -5.07 -4.37
N THR A 13 -5.54 -5.46 -3.11
CA THR A 13 -4.75 -6.58 -2.58
C THR A 13 -5.62 -7.79 -2.21
N ALA A 14 -6.24 -7.75 -1.03
CA ALA A 14 -7.06 -8.88 -0.59
C ALA A 14 -8.27 -8.44 0.23
N GLY A 15 -8.01 -7.76 1.35
CA GLY A 15 -9.09 -7.30 2.19
C GLY A 15 -8.98 -7.81 3.61
N GLU A 16 -8.62 -9.08 3.75
CA GLU A 16 -8.47 -9.69 5.07
C GLU A 16 -7.41 -8.93 5.87
N GLY A 17 -6.48 -8.30 5.16
CA GLY A 17 -5.44 -7.53 5.81
C GLY A 17 -4.97 -6.39 4.93
N ALA A 18 -4.64 -6.70 3.68
CA ALA A 18 -4.18 -5.69 2.75
C ALA A 18 -5.15 -5.59 1.60
N MET A 19 -5.25 -4.43 0.97
CA MET A 19 -6.20 -4.30 -0.12
C MET A 19 -6.08 -3.02 -0.96
N GLU A 20 -4.87 -2.51 -1.17
CA GLU A 20 -4.73 -1.34 -2.02
C GLU A 20 -3.47 -1.42 -2.91
N TYR A 21 -2.53 -0.48 -2.87
CA TYR A 21 -1.39 -0.57 -3.83
C TYR A 21 -0.05 0.11 -3.43
N LEU A 22 0.40 1.11 -4.21
CA LEU A 22 1.62 1.79 -3.97
C LEU A 22 1.58 3.21 -4.51
N ILE A 23 2.57 4.00 -4.13
CA ILE A 23 2.67 5.39 -4.55
C ILE A 23 1.35 6.13 -4.37
N GLU A 24 0.87 6.15 -3.13
CA GLU A 24 -0.38 6.83 -2.83
C GLU A 24 -0.61 6.99 -1.33
N TRP A 25 0.48 7.07 -0.57
CA TRP A 25 0.40 7.28 0.88
C TRP A 25 1.54 8.19 1.34
N LYS A 26 1.95 9.10 0.46
CA LYS A 26 3.02 10.04 0.78
C LYS A 26 4.19 9.30 1.38
N ASP A 27 4.48 8.12 0.85
CA ASP A 27 5.58 7.30 1.31
C ASP A 27 5.49 7.08 2.82
N GLY A 28 4.27 6.88 3.32
CA GLY A 28 4.07 6.64 4.74
C GLY A 28 5.10 5.67 5.29
N HIS A 29 4.98 4.40 4.90
CA HIS A 29 5.94 3.40 5.34
C HIS A 29 6.41 2.56 4.16
N SER A 30 7.58 2.86 3.62
CA SER A 30 8.17 2.09 2.52
C SER A 30 7.16 1.63 1.47
N PRO A 31 7.08 2.27 0.28
CA PRO A 31 6.16 1.88 -0.81
C PRO A 31 5.77 0.41 -0.74
N SER A 32 4.50 0.10 -0.99
CA SER A 32 4.03 -1.27 -0.84
C SER A 32 2.85 -1.61 -1.74
N TRP A 33 2.10 -2.63 -1.31
CA TRP A 33 0.83 -3.06 -1.88
C TRP A 33 0.03 -3.35 -0.63
N VAL A 34 -0.74 -2.36 -0.25
CA VAL A 34 -1.46 -2.35 1.03
C VAL A 34 -2.69 -1.45 0.92
N PRO A 35 -3.71 -1.55 1.87
CA PRO A 35 -4.96 -0.79 1.79
C PRO A 35 -4.89 0.74 1.87
N SER A 36 -3.75 1.33 2.21
CA SER A 36 -3.62 2.81 2.33
C SER A 36 -2.45 3.28 3.22
N SER A 37 -1.36 2.52 3.27
CA SER A 37 -0.19 2.91 4.07
C SER A 37 0.94 1.90 3.86
N TYR A 38 0.91 0.83 4.64
CA TYR A 38 1.89 -0.23 4.55
C TYR A 38 1.57 -1.34 5.52
N ILE A 39 1.99 -2.55 5.20
CA ILE A 39 1.72 -3.69 6.05
C ILE A 39 2.21 -4.97 5.40
N ALA A 40 3.52 -5.16 5.38
CA ALA A 40 4.06 -6.36 4.77
C ALA A 40 3.66 -7.59 5.57
N ALA A 41 2.54 -8.19 5.18
CA ALA A 41 2.04 -9.38 5.85
C ALA A 41 0.64 -9.75 5.34
N ASP A 42 -0.11 -8.73 4.93
CA ASP A 42 -1.46 -8.91 4.39
C ASP A 42 -2.45 -9.21 5.52
N VAL A 43 -2.16 -8.70 6.71
CA VAL A 43 -3.04 -8.90 7.86
C VAL A 43 -3.58 -7.58 8.42
N VAL A 44 -3.05 -6.46 7.94
CA VAL A 44 -3.49 -5.15 8.41
C VAL A 44 -3.46 -4.12 7.27
N SER A 45 -4.16 -3.00 7.46
CA SER A 45 -4.24 -1.94 6.46
C SER A 45 -3.24 -0.82 6.76
N GLU A 46 -2.25 -1.09 7.60
CA GLU A 46 -1.26 -0.07 7.96
C GLU A 46 -0.23 -0.60 8.96
N TYR A 47 1.03 -0.22 8.78
CA TYR A 47 2.11 -0.64 9.66
C TYR A 47 1.79 -0.32 11.12
N GLY A 1 13.01 2.12 -8.48
CA GLY A 1 11.99 3.07 -7.96
C GLY A 1 10.57 2.59 -8.17
N SER A 2 9.86 3.23 -9.09
CA SER A 2 8.48 2.86 -9.39
C SER A 2 7.65 2.75 -8.11
N GLY A 3 7.80 3.75 -7.25
CA GLY A 3 7.05 3.75 -6.00
C GLY A 3 7.39 4.95 -5.13
N GLU A 4 6.53 5.23 -4.15
CA GLU A 4 6.74 6.35 -3.25
C GLU A 4 6.78 7.69 -4.02
N VAL A 5 6.33 7.66 -5.26
CA VAL A 5 6.29 8.86 -6.08
C VAL A 5 4.94 9.54 -5.92
N ASN A 6 3.94 8.77 -5.49
CA ASN A 6 2.60 9.31 -5.29
C ASN A 6 2.08 9.89 -6.60
N LYS A 7 1.61 9.00 -7.47
CA LYS A 7 1.12 9.35 -8.77
C LYS A 7 -0.01 8.39 -9.16
N ILE A 8 -0.05 7.97 -10.41
CA ILE A 8 -1.05 7.00 -10.84
C ILE A 8 -0.75 5.66 -10.18
N ILE A 9 -1.76 5.02 -9.60
CA ILE A 9 -1.50 3.78 -8.89
C ILE A 9 -2.68 2.80 -8.94
N GLY A 10 -2.39 1.61 -8.41
CA GLY A 10 -3.35 0.52 -8.38
C GLY A 10 -3.49 -0.02 -6.98
N SER A 11 -4.58 -0.71 -6.68
CA SER A 11 -4.78 -1.21 -5.34
C SER A 11 -5.70 -2.42 -5.29
N ARG A 12 -5.14 -3.62 -5.12
CA ARG A 12 -6.00 -4.80 -4.97
C ARG A 12 -5.27 -6.01 -4.35
N THR A 13 -5.43 -6.26 -3.04
CA THR A 13 -4.82 -7.46 -2.47
C THR A 13 -5.83 -8.53 -2.07
N ALA A 14 -6.42 -8.38 -0.89
CA ALA A 14 -7.38 -9.39 -0.40
C ALA A 14 -8.43 -8.79 0.52
N GLY A 15 -7.98 -8.15 1.60
CA GLY A 15 -8.90 -7.55 2.55
C GLY A 15 -8.65 -8.05 3.96
N GLU A 16 -8.41 -9.36 4.08
CA GLU A 16 -8.14 -9.98 5.37
C GLU A 16 -6.74 -9.61 5.89
N GLY A 17 -5.95 -8.96 5.03
CA GLY A 17 -4.61 -8.55 5.40
C GLY A 17 -4.21 -7.33 4.61
N ALA A 18 -4.29 -7.44 3.29
CA ALA A 18 -3.99 -6.34 2.40
C ALA A 18 -5.10 -6.19 1.40
N MET A 19 -5.33 -5.01 0.86
CA MET A 19 -6.40 -4.85 -0.13
C MET A 19 -6.19 -3.68 -1.10
N GLU A 20 -5.01 -3.09 -1.09
CA GLU A 20 -4.69 -2.00 -1.99
C GLU A 20 -3.20 -2.01 -2.27
N TYR A 21 -2.69 -1.07 -3.04
CA TYR A 21 -1.25 -1.02 -3.31
C TYR A 21 -0.76 0.36 -3.73
N LEU A 22 -1.58 1.35 -3.62
CA LEU A 22 -1.18 2.63 -4.11
C LEU A 22 -0.43 3.48 -3.13
N ILE A 23 0.72 3.95 -3.64
CA ILE A 23 1.56 4.89 -2.95
C ILE A 23 0.66 5.95 -2.30
N GLU A 24 0.57 7.16 -2.84
CA GLU A 24 -0.31 8.18 -2.28
C GLU A 24 -0.41 8.10 -0.74
N TRP A 25 0.67 7.64 -0.11
CA TRP A 25 0.72 7.48 1.34
C TRP A 25 2.02 8.03 1.91
N LYS A 26 2.54 9.08 1.27
CA LYS A 26 3.76 9.73 1.73
C LYS A 26 4.87 8.71 1.96
N ASP A 27 4.83 7.63 1.19
CA ASP A 27 5.85 6.57 1.30
C ASP A 27 6.17 6.24 2.76
N GLY A 28 5.15 6.25 3.61
CA GLY A 28 5.37 5.95 5.02
C GLY A 28 6.20 4.70 5.22
N HIS A 29 5.73 3.58 4.67
CA HIS A 29 6.47 2.34 4.78
C HIS A 29 6.52 1.66 3.41
N SER A 30 7.59 1.98 2.68
CA SER A 30 7.85 1.41 1.35
C SER A 30 6.63 1.25 0.42
N PRO A 31 6.59 1.95 -0.77
CA PRO A 31 5.53 1.75 -1.81
C PRO A 31 5.13 0.31 -1.78
N SER A 32 4.07 0.04 -1.05
CA SER A 32 3.66 -1.32 -0.80
C SER A 32 2.31 -1.67 -1.34
N TRP A 33 2.03 -2.95 -1.23
CA TRP A 33 0.77 -3.49 -1.62
C TRP A 33 0.01 -3.73 -0.32
N VAL A 34 -0.88 -2.79 -0.03
CA VAL A 34 -1.63 -2.74 1.24
C VAL A 34 -2.99 -2.08 1.05
N PRO A 35 -3.95 -2.33 1.98
CA PRO A 35 -5.33 -1.79 1.90
C PRO A 35 -5.45 -0.26 1.94
N SER A 36 -4.35 0.45 2.16
CA SER A 36 -4.41 1.92 2.26
C SER A 36 -3.09 2.58 2.69
N SER A 37 -2.12 1.81 3.20
CA SER A 37 -0.85 2.39 3.61
C SER A 37 0.34 1.51 3.22
N TYR A 38 0.71 0.55 4.06
CA TYR A 38 1.85 -0.33 3.79
C TYR A 38 1.94 -1.33 4.93
N ILE A 39 1.49 -2.55 4.67
CA ILE A 39 1.41 -3.56 5.72
C ILE A 39 2.11 -4.83 5.28
N ALA A 40 3.37 -4.67 4.99
CA ALA A 40 4.17 -5.76 4.51
C ALA A 40 4.12 -6.93 5.49
N ALA A 41 3.17 -7.82 5.21
CA ALA A 41 2.92 -9.01 6.01
C ALA A 41 1.56 -9.59 5.64
N ASP A 42 0.66 -8.71 5.21
CA ASP A 42 -0.68 -9.09 4.78
C ASP A 42 -1.60 -9.38 5.96
N VAL A 43 -1.73 -8.42 6.88
CA VAL A 43 -2.58 -8.61 8.04
C VAL A 43 -3.09 -7.28 8.62
N VAL A 44 -3.13 -6.22 7.83
CA VAL A 44 -3.59 -4.92 8.33
C VAL A 44 -4.10 -3.98 7.23
N SER A 45 -5.01 -3.10 7.60
CA SER A 45 -5.55 -2.10 6.67
C SER A 45 -4.62 -0.89 6.57
N GLU A 46 -3.54 -0.90 7.34
CA GLU A 46 -2.60 0.22 7.32
C GLU A 46 -1.47 0.03 8.36
N TYR A 47 -0.30 0.64 8.10
CA TYR A 47 0.84 0.57 9.02
C TYR A 47 1.32 1.96 9.38
N GLY A 1 11.51 0.86 -9.70
CA GLY A 1 10.18 0.21 -9.69
C GLY A 1 9.56 0.16 -8.29
N SER A 2 9.74 1.23 -7.53
CA SER A 2 9.19 1.29 -6.18
C SER A 2 7.92 2.13 -6.15
N GLY A 3 8.09 3.44 -6.18
CA GLY A 3 6.95 4.34 -6.17
C GLY A 3 7.10 5.46 -5.17
N GLU A 4 6.21 5.48 -4.17
CA GLU A 4 6.25 6.52 -3.16
C GLU A 4 6.23 7.90 -3.83
N VAL A 5 5.78 7.92 -5.09
CA VAL A 5 5.72 9.14 -5.85
C VAL A 5 4.33 9.74 -5.83
N ASN A 6 3.34 8.93 -5.49
CA ASN A 6 1.97 9.41 -5.44
C ASN A 6 1.55 9.86 -6.84
N LYS A 7 1.55 8.88 -7.74
CA LYS A 7 1.21 9.08 -9.14
C LYS A 7 0.29 7.95 -9.58
N ILE A 8 0.54 7.31 -10.73
CA ILE A 8 -0.28 6.18 -11.17
C ILE A 8 -0.50 5.23 -10.00
N ILE A 9 -1.70 5.25 -9.45
CA ILE A 9 -1.99 4.46 -8.28
C ILE A 9 -2.82 3.20 -8.58
N GLY A 10 -2.15 2.05 -8.46
CA GLY A 10 -2.78 0.74 -8.66
C GLY A 10 -2.96 0.07 -7.32
N SER A 11 -4.08 -0.58 -7.09
CA SER A 11 -4.30 -1.14 -5.77
C SER A 11 -5.22 -2.35 -5.73
N ARG A 12 -4.68 -3.54 -5.47
CA ARG A 12 -5.52 -4.73 -5.36
C ARG A 12 -4.83 -5.85 -4.58
N THR A 13 -5.18 -6.04 -3.30
CA THR A 13 -4.55 -7.14 -2.54
C THR A 13 -5.55 -8.19 -2.07
N ALA A 14 -6.26 -7.91 -0.99
CA ALA A 14 -7.22 -8.88 -0.46
C ALA A 14 -8.40 -8.20 0.22
N GLY A 15 -8.13 -7.41 1.25
CA GLY A 15 -9.22 -6.73 1.95
C GLY A 15 -9.31 -7.13 3.40
N GLU A 16 -9.32 -8.43 3.66
CA GLU A 16 -9.39 -8.93 5.03
C GLU A 16 -8.21 -8.41 5.83
N GLY A 17 -7.16 -8.01 5.12
CA GLY A 17 -5.98 -7.47 5.78
C GLY A 17 -5.35 -6.35 4.97
N ALA A 18 -4.99 -6.65 3.72
CA ALA A 18 -4.38 -5.68 2.83
C ALA A 18 -5.15 -5.67 1.51
N MET A 19 -5.22 -4.54 0.80
CA MET A 19 -5.99 -4.52 -0.47
C MET A 19 -5.80 -3.30 -1.39
N GLU A 20 -4.71 -2.57 -1.26
CA GLU A 20 -4.48 -1.41 -2.11
C GLU A 20 -2.99 -1.08 -2.25
N TYR A 21 -2.41 -1.52 -3.32
CA TYR A 21 -0.99 -1.34 -3.58
C TYR A 21 -0.64 0.04 -4.08
N LEU A 22 -1.58 0.93 -4.07
CA LEU A 22 -1.29 2.21 -4.60
C LEU A 22 -0.73 3.22 -3.64
N ILE A 23 0.35 3.81 -4.11
CA ILE A 23 1.03 4.89 -3.44
C ILE A 23 0.06 5.97 -2.97
N GLU A 24 0.40 7.23 -3.13
CA GLU A 24 -0.47 8.28 -2.66
C GLU A 24 -0.67 8.14 -1.15
N TRP A 25 0.20 7.36 -0.49
CA TRP A 25 0.10 7.18 0.95
C TRP A 25 1.28 7.84 1.64
N LYS A 26 1.77 8.92 1.05
CA LYS A 26 2.87 9.70 1.61
C LYS A 26 4.11 8.85 1.83
N ASP A 27 4.27 7.82 1.01
CA ASP A 27 5.45 6.95 1.11
C ASP A 27 5.75 6.59 2.55
N GLY A 28 4.70 6.48 3.37
CA GLY A 28 4.89 6.15 4.77
C GLY A 28 5.80 4.97 4.96
N HIS A 29 5.44 3.81 4.41
CA HIS A 29 6.29 2.65 4.54
C HIS A 29 6.41 1.96 3.20
N SER A 30 7.43 2.35 2.45
CA SER A 30 7.73 1.78 1.14
C SER A 30 6.52 1.52 0.22
N PRO A 31 6.45 2.14 -1.00
CA PRO A 31 5.42 1.82 -2.01
C PRO A 31 5.19 0.33 -1.96
N SER A 32 4.12 -0.06 -1.32
CA SER A 32 3.86 -1.46 -1.06
C SER A 32 2.54 -1.90 -1.59
N TRP A 33 2.43 -3.19 -1.85
CA TRP A 33 1.18 -3.71 -2.28
C TRP A 33 0.48 -4.11 -1.02
N VAL A 34 -0.32 -3.17 -0.49
CA VAL A 34 -0.93 -3.39 0.80
C VAL A 34 -2.24 -2.58 0.97
N PRO A 35 -2.84 -2.41 2.19
CA PRO A 35 -4.11 -1.67 2.33
C PRO A 35 -4.01 -0.21 2.71
N SER A 36 -4.25 0.67 1.73
CA SER A 36 -4.24 2.12 1.93
C SER A 36 -3.14 2.53 2.90
N SER A 37 -2.07 1.75 2.89
CA SER A 37 -0.95 1.99 3.76
C SER A 37 0.22 1.11 3.32
N TYR A 38 0.85 0.37 4.24
CA TYR A 38 1.99 -0.46 3.90
C TYR A 38 2.30 -1.26 5.14
N ILE A 39 1.88 -2.50 5.15
CA ILE A 39 2.01 -3.33 6.32
C ILE A 39 2.81 -4.60 6.04
N ALA A 40 3.76 -4.51 5.14
CA ALA A 40 4.52 -5.69 4.77
C ALA A 40 5.16 -6.34 5.98
N ALA A 41 4.43 -7.31 6.53
CA ALA A 41 4.83 -8.05 7.72
C ALA A 41 3.61 -8.76 8.31
N ASP A 42 2.44 -8.15 8.13
CA ASP A 42 1.18 -8.71 8.63
C ASP A 42 0.00 -7.84 8.23
N VAL A 43 -0.77 -8.31 7.24
CA VAL A 43 -1.92 -7.57 6.71
C VAL A 43 -2.87 -7.13 7.81
N VAL A 44 -3.17 -5.81 7.82
CA VAL A 44 -4.05 -5.26 8.84
C VAL A 44 -4.43 -3.79 8.64
N SER A 45 -4.56 -3.41 7.38
CA SER A 45 -4.99 -2.04 7.03
C SER A 45 -3.97 -0.96 7.35
N GLU A 46 -2.80 -1.34 7.86
CA GLU A 46 -1.76 -0.36 8.20
C GLU A 46 -0.51 -0.99 8.79
N TYR A 47 0.62 -0.30 8.60
CA TYR A 47 1.91 -0.77 9.09
C TYR A 47 1.85 -1.05 10.58
N GLY A 1 11.84 7.33 -7.98
CA GLY A 1 11.38 6.79 -9.28
C GLY A 1 11.08 5.30 -9.22
N SER A 2 10.25 4.90 -8.26
CA SER A 2 9.89 3.50 -8.10
C SER A 2 8.88 3.34 -6.98
N GLY A 3 7.93 4.27 -6.90
CA GLY A 3 6.91 4.21 -5.87
C GLY A 3 7.04 5.37 -4.89
N GLU A 4 6.19 5.36 -3.85
CA GLU A 4 6.22 6.41 -2.85
C GLU A 4 6.17 7.80 -3.53
N VAL A 5 5.65 7.81 -4.76
CA VAL A 5 5.55 9.04 -5.53
C VAL A 5 4.12 9.55 -5.57
N ASN A 6 3.17 8.68 -5.23
CA ASN A 6 1.77 9.06 -5.26
C ASN A 6 1.39 9.45 -6.68
N LYS A 7 1.42 8.47 -7.59
CA LYS A 7 1.11 8.69 -8.98
C LYS A 7 0.52 7.42 -9.59
N ILE A 8 0.80 7.19 -10.87
CA ILE A 8 0.33 6.02 -11.57
C ILE A 8 0.57 4.74 -10.76
N ILE A 9 -0.46 4.29 -10.09
CA ILE A 9 -0.37 3.10 -9.26
C ILE A 9 -1.75 2.41 -9.16
N GLY A 10 -1.79 1.20 -8.60
CA GLY A 10 -3.04 0.46 -8.54
C GLY A 10 -3.31 -0.08 -7.16
N SER A 11 -4.52 -0.58 -6.92
CA SER A 11 -4.84 -1.09 -5.61
C SER A 11 -5.84 -2.25 -5.63
N ARG A 12 -5.33 -3.46 -5.44
CA ARG A 12 -6.20 -4.64 -5.37
C ARG A 12 -5.48 -5.81 -4.67
N THR A 13 -5.77 -6.09 -3.40
CA THR A 13 -5.11 -7.21 -2.73
C THR A 13 -6.06 -8.34 -2.33
N ALA A 14 -6.69 -8.23 -1.17
CA ALA A 14 -7.59 -9.30 -0.71
C ALA A 14 -8.71 -8.77 0.17
N GLY A 15 -8.36 -8.07 1.24
CA GLY A 15 -9.36 -7.53 2.14
C GLY A 15 -9.24 -8.09 3.55
N GLU A 16 -8.83 -9.35 3.64
CA GLU A 16 -8.67 -10.00 4.94
C GLU A 16 -7.65 -9.23 5.77
N GLY A 17 -6.71 -8.59 5.08
CA GLY A 17 -5.69 -7.80 5.74
C GLY A 17 -5.21 -6.65 4.87
N ALA A 18 -5.04 -6.93 3.58
CA ALA A 18 -4.59 -5.94 2.62
C ALA A 18 -5.51 -5.95 1.41
N MET A 19 -5.65 -4.81 0.74
CA MET A 19 -6.54 -4.76 -0.43
C MET A 19 -6.30 -3.56 -1.33
N GLU A 20 -5.09 -3.04 -1.33
CA GLU A 20 -4.75 -1.90 -2.18
C GLU A 20 -3.27 -1.96 -2.54
N TYR A 21 -2.79 -0.99 -3.31
CA TYR A 21 -1.37 -0.98 -3.70
C TYR A 21 -0.88 0.41 -4.14
N LEU A 22 -1.65 1.42 -3.92
CA LEU A 22 -1.28 2.74 -4.37
C LEU A 22 -0.41 3.57 -3.46
N ILE A 23 0.74 3.91 -4.06
CA ILE A 23 1.71 4.79 -3.47
C ILE A 23 1.08 6.12 -3.10
N GLU A 24 -0.13 6.37 -3.65
CA GLU A 24 -0.89 7.57 -3.33
C GLU A 24 -0.77 7.93 -1.85
N TRP A 25 -0.53 6.91 -1.01
CA TRP A 25 -0.34 7.16 0.40
C TRP A 25 0.84 8.13 0.58
N LYS A 26 1.41 8.22 1.78
CA LYS A 26 2.51 9.15 2.00
C LYS A 26 3.83 8.43 2.15
N ASP A 27 4.07 7.46 1.26
CA ASP A 27 5.32 6.70 1.30
C ASP A 27 5.71 6.32 2.72
N GLY A 28 4.72 6.19 3.59
CA GLY A 28 4.99 5.85 4.98
C GLY A 28 5.84 4.60 5.09
N HIS A 29 5.39 3.50 4.49
CA HIS A 29 6.17 2.29 4.53
C HIS A 29 6.23 1.64 3.16
N SER A 30 7.28 2.00 2.44
CA SER A 30 7.57 1.46 1.11
C SER A 30 6.37 1.29 0.16
N PRO A 31 6.36 1.96 -1.02
CA PRO A 31 5.36 1.73 -2.08
C PRO A 31 5.01 0.25 -2.07
N SER A 32 3.92 -0.06 -1.41
CA SER A 32 3.53 -1.45 -1.18
C SER A 32 2.20 -1.83 -1.74
N TRP A 33 2.02 -3.11 -2.01
CA TRP A 33 0.74 -3.56 -2.47
C TRP A 33 0.02 -3.94 -1.19
N VAL A 34 -0.70 -2.95 -0.65
CA VAL A 34 -1.36 -3.13 0.64
C VAL A 34 -2.56 -2.18 0.77
N PRO A 35 -3.34 -2.21 1.88
CA PRO A 35 -4.56 -1.42 2.03
C PRO A 35 -4.40 0.00 2.55
N SER A 36 -4.67 0.95 1.68
CA SER A 36 -4.64 2.37 2.00
C SER A 36 -3.39 2.80 2.73
N SER A 37 -2.34 2.01 2.64
CA SER A 37 -1.09 2.37 3.29
C SER A 37 0.04 1.40 2.92
N TYR A 38 0.45 0.56 3.86
CA TYR A 38 1.54 -0.37 3.64
C TYR A 38 1.65 -1.21 4.90
N ILE A 39 1.43 -2.50 4.76
CA ILE A 39 1.39 -3.35 5.92
C ILE A 39 2.04 -4.69 5.63
N ALA A 40 3.02 -4.65 4.75
CA ALA A 40 3.71 -5.87 4.36
C ALA A 40 4.35 -6.53 5.57
N ALA A 41 3.57 -7.40 6.21
CA ALA A 41 4.01 -8.15 7.40
C ALA A 41 2.80 -8.61 8.22
N ASP A 42 1.75 -9.05 7.54
CA ASP A 42 0.54 -9.53 8.20
C ASP A 42 -0.05 -8.44 9.12
N VAL A 43 -0.87 -7.57 8.55
CA VAL A 43 -1.51 -6.50 9.32
C VAL A 43 -2.81 -6.07 8.64
N VAL A 44 -3.30 -4.86 8.95
CA VAL A 44 -4.54 -4.40 8.33
C VAL A 44 -4.68 -2.87 8.33
N SER A 45 -4.76 -2.31 7.12
CA SER A 45 -4.95 -0.88 6.89
C SER A 45 -3.78 -0.02 7.34
N GLU A 46 -2.70 -0.65 7.79
CA GLU A 46 -1.52 0.08 8.25
C GLU A 46 -0.43 -0.85 8.73
N TYR A 47 0.81 -0.38 8.65
CA TYR A 47 1.96 -1.16 9.07
C TYR A 47 1.90 -1.45 10.57
N GLY A 1 12.66 3.09 -9.87
CA GLY A 1 12.06 2.73 -8.56
C GLY A 1 10.67 3.31 -8.37
N SER A 2 9.65 2.49 -8.59
CA SER A 2 8.27 2.94 -8.45
C SER A 2 7.85 2.95 -6.98
N GLY A 3 6.91 3.82 -6.65
CA GLY A 3 6.45 3.93 -5.28
C GLY A 3 6.96 5.17 -4.58
N GLU A 4 6.20 5.66 -3.61
CA GLU A 4 6.58 6.86 -2.87
C GLU A 4 6.60 8.11 -3.77
N VAL A 5 6.09 7.97 -4.99
CA VAL A 5 6.02 9.10 -5.92
C VAL A 5 4.68 9.78 -5.76
N ASN A 6 3.68 8.95 -5.50
CA ASN A 6 2.31 9.37 -5.29
C ASN A 6 1.68 9.92 -6.57
N LYS A 7 1.11 9.01 -7.35
CA LYS A 7 0.47 9.35 -8.60
C LYS A 7 -0.64 8.34 -8.85
N ILE A 8 -0.87 7.97 -10.10
CA ILE A 8 -1.90 6.99 -10.41
C ILE A 8 -1.66 5.71 -9.62
N ILE A 9 -2.61 5.34 -8.77
CA ILE A 9 -2.45 4.15 -7.94
C ILE A 9 -3.38 3.00 -8.29
N GLY A 10 -2.79 1.80 -8.31
CA GLY A 10 -3.54 0.58 -8.51
C GLY A 10 -3.69 -0.07 -7.16
N SER A 11 -4.80 -0.74 -6.90
CA SER A 11 -4.99 -1.29 -5.56
C SER A 11 -5.90 -2.52 -5.55
N ARG A 12 -5.28 -3.69 -5.36
CA ARG A 12 -6.03 -4.94 -5.27
C ARG A 12 -5.24 -6.01 -4.49
N THR A 13 -5.59 -6.26 -3.23
CA THR A 13 -4.86 -7.27 -2.48
C THR A 13 -5.77 -8.39 -1.96
N ALA A 14 -6.46 -8.16 -0.86
CA ALA A 14 -7.32 -9.19 -0.29
C ALA A 14 -8.52 -8.60 0.44
N GLY A 15 -8.24 -7.76 1.45
CA GLY A 15 -9.32 -7.15 2.21
C GLY A 15 -9.26 -7.53 3.67
N GLU A 16 -8.99 -8.80 3.94
CA GLU A 16 -8.89 -9.30 5.30
C GLU A 16 -7.80 -8.55 6.06
N GLY A 17 -6.75 -8.19 5.34
CA GLY A 17 -5.65 -7.45 5.92
C GLY A 17 -5.18 -6.33 5.01
N ALA A 18 -4.97 -6.67 3.74
CA ALA A 18 -4.53 -5.68 2.76
C ALA A 18 -5.41 -5.77 1.53
N MET A 19 -5.59 -4.65 0.82
CA MET A 19 -6.43 -4.68 -0.38
C MET A 19 -6.25 -3.47 -1.30
N GLU A 20 -5.06 -2.91 -1.30
CA GLU A 20 -4.75 -1.79 -2.18
C GLU A 20 -3.29 -1.85 -2.54
N TYR A 21 -2.72 -0.84 -3.21
CA TYR A 21 -1.34 -1.01 -3.59
C TYR A 21 -0.48 0.20 -3.80
N LEU A 22 -0.87 1.07 -4.65
CA LEU A 22 0.03 2.14 -5.00
C LEU A 22 0.05 3.28 -4.03
N ILE A 23 1.25 3.84 -3.98
CA ILE A 23 1.64 4.93 -3.11
C ILE A 23 0.47 5.65 -2.45
N GLU A 24 0.10 6.85 -2.90
CA GLU A 24 -0.98 7.60 -2.26
C GLU A 24 -0.88 7.52 -0.74
N TRP A 25 0.34 7.31 -0.23
CA TRP A 25 0.57 7.24 1.21
C TRP A 25 1.81 8.01 1.61
N LYS A 26 2.14 9.04 0.84
CA LYS A 26 3.27 9.91 1.13
C LYS A 26 4.49 9.12 1.60
N ASP A 27 4.61 7.89 1.13
CA ASP A 27 5.74 7.05 1.52
C ASP A 27 5.71 6.78 3.01
N GLY A 28 4.49 6.66 3.57
CA GLY A 28 4.34 6.39 4.98
C GLY A 28 5.26 5.30 5.44
N HIS A 29 5.07 4.10 4.89
CA HIS A 29 5.93 2.99 5.21
C HIS A 29 6.32 2.29 3.94
N SER A 30 7.58 2.43 3.55
CA SER A 30 8.14 1.74 2.38
C SER A 30 7.14 1.48 1.24
N PRO A 31 7.15 2.26 0.13
CA PRO A 31 6.27 2.02 -1.02
C PRO A 31 5.94 0.53 -1.17
N SER A 32 4.65 0.19 -1.10
CA SER A 32 4.25 -1.22 -1.12
C SER A 32 2.97 -1.50 -1.87
N TRP A 33 2.41 -2.69 -1.61
CA TRP A 33 1.12 -3.11 -2.16
C TRP A 33 0.23 -3.45 -0.97
N VAL A 34 -0.53 -2.45 -0.53
CA VAL A 34 -1.40 -2.59 0.62
C VAL A 34 -2.50 -1.52 0.61
N PRO A 35 -3.41 -1.54 1.61
CA PRO A 35 -4.47 -0.53 1.77
C PRO A 35 -4.08 0.58 2.73
N SER A 36 -4.39 1.80 2.36
CA SER A 36 -4.14 2.98 3.21
C SER A 36 -2.69 3.45 3.16
N SER A 37 -1.74 2.62 3.58
CA SER A 37 -0.34 3.06 3.58
C SER A 37 0.69 1.95 3.38
N TYR A 38 0.65 0.93 4.23
CA TYR A 38 1.63 -0.13 4.19
C TYR A 38 1.39 -1.10 5.32
N ILE A 39 1.77 -2.34 5.12
CA ILE A 39 1.58 -3.36 6.13
C ILE A 39 2.01 -4.70 5.56
N ALA A 40 3.30 -4.81 5.34
CA ALA A 40 3.85 -6.03 4.78
C ALA A 40 3.55 -7.22 5.68
N ALA A 41 2.43 -7.90 5.40
CA ALA A 41 2.01 -9.06 6.17
C ALA A 41 0.63 -9.54 5.72
N ASP A 42 -0.19 -8.60 5.27
CA ASP A 42 -1.54 -8.91 4.79
C ASP A 42 -2.46 -9.22 5.97
N VAL A 43 -2.12 -8.70 7.14
CA VAL A 43 -2.93 -8.92 8.34
C VAL A 43 -3.63 -7.63 8.77
N VAL A 44 -3.05 -6.49 8.40
CA VAL A 44 -3.62 -5.20 8.76
C VAL A 44 -3.60 -4.24 7.57
N SER A 45 -4.36 -3.16 7.68
CA SER A 45 -4.44 -2.15 6.62
C SER A 45 -3.48 -0.99 6.92
N GLU A 46 -2.42 -1.27 7.69
CA GLU A 46 -1.45 -0.24 8.05
C GLU A 46 -0.34 -0.82 8.91
N TYR A 47 0.86 -0.27 8.79
CA TYR A 47 2.00 -0.73 9.56
C TYR A 47 1.76 -0.54 11.06
N GLY A 1 11.16 -1.96 -5.36
CA GLY A 1 10.53 -0.74 -4.80
C GLY A 1 10.11 0.23 -5.87
N SER A 2 8.80 0.38 -6.06
CA SER A 2 8.28 1.30 -7.08
C SER A 2 7.05 2.04 -6.55
N GLY A 3 7.21 3.32 -6.29
CA GLY A 3 6.10 4.12 -5.79
C GLY A 3 6.56 5.21 -4.83
N GLU A 4 5.70 5.55 -3.87
CA GLU A 4 6.04 6.58 -2.87
C GLU A 4 5.88 8.02 -3.42
N VAL A 5 5.76 8.18 -4.73
CA VAL A 5 5.62 9.52 -5.33
C VAL A 5 4.21 10.05 -5.16
N ASN A 6 3.26 9.23 -5.55
CA ASN A 6 1.83 9.52 -5.48
C ASN A 6 1.34 9.97 -6.84
N LYS A 7 1.05 8.98 -7.68
CA LYS A 7 0.59 9.21 -9.04
C LYS A 7 -0.30 8.03 -9.45
N ILE A 8 -0.06 7.45 -10.64
CA ILE A 8 -0.83 6.29 -11.08
C ILE A 8 -0.94 5.26 -9.95
N ILE A 9 -2.14 5.05 -9.44
CA ILE A 9 -2.29 4.10 -8.34
C ILE A 9 -3.30 2.99 -8.59
N GLY A 10 -2.79 1.77 -8.62
CA GLY A 10 -3.61 0.59 -8.73
C GLY A 10 -3.71 -0.01 -7.35
N SER A 11 -4.85 -0.58 -7.00
CA SER A 11 -5.02 -1.07 -5.63
C SER A 11 -6.04 -2.20 -5.50
N ARG A 12 -5.55 -3.42 -5.34
CA ARG A 12 -6.41 -4.58 -5.13
C ARG A 12 -5.62 -5.71 -4.48
N THR A 13 -5.70 -5.88 -3.15
CA THR A 13 -4.95 -6.96 -2.53
C THR A 13 -5.82 -8.15 -2.17
N ALA A 14 -6.51 -8.09 -1.04
CA ALA A 14 -7.34 -9.21 -0.61
C ALA A 14 -8.63 -8.76 0.06
N GLY A 15 -8.50 -8.13 1.21
CA GLY A 15 -9.66 -7.68 1.94
C GLY A 15 -9.65 -8.19 3.37
N GLU A 16 -9.13 -9.41 3.52
CA GLU A 16 -9.04 -10.03 4.83
C GLU A 16 -8.03 -9.28 5.69
N GLY A 17 -7.04 -8.70 5.01
CA GLY A 17 -6.01 -7.93 5.69
C GLY A 17 -5.55 -6.76 4.85
N ALA A 18 -5.23 -7.03 3.59
CA ALA A 18 -4.78 -6.00 2.66
C ALA A 18 -5.74 -5.89 1.49
N MET A 19 -5.85 -4.69 0.89
CA MET A 19 -6.76 -4.54 -0.26
C MET A 19 -6.48 -3.33 -1.16
N GLU A 20 -5.23 -2.87 -1.22
CA GLU A 20 -4.88 -1.75 -2.10
C GLU A 20 -3.43 -1.87 -2.53
N TYR A 21 -2.86 -0.89 -3.24
CA TYR A 21 -1.48 -1.09 -3.69
C TYR A 21 -0.61 0.13 -3.93
N LEU A 22 -0.88 0.83 -4.97
CA LEU A 22 0.01 1.91 -5.35
C LEU A 22 -0.22 3.20 -4.64
N ILE A 23 0.92 3.84 -4.38
CA ILE A 23 1.05 5.10 -3.68
C ILE A 23 -0.19 5.50 -2.89
N GLU A 24 -0.45 6.80 -2.76
CA GLU A 24 -1.59 7.28 -2.00
C GLU A 24 -1.24 7.34 -0.51
N TRP A 25 -0.04 6.85 -0.14
CA TRP A 25 0.40 6.91 1.23
C TRP A 25 1.71 7.67 1.36
N LYS A 26 1.94 8.60 0.44
CA LYS A 26 3.12 9.47 0.43
C LYS A 26 4.35 8.81 1.05
N ASP A 27 4.81 7.72 0.44
CA ASP A 27 6.00 7.01 0.92
C ASP A 27 5.95 6.82 2.43
N GLY A 28 4.75 6.76 2.99
CA GLY A 28 4.60 6.57 4.42
C GLY A 28 5.43 5.41 4.90
N HIS A 29 5.09 4.22 4.45
CA HIS A 29 5.85 3.04 4.80
C HIS A 29 6.10 2.24 3.53
N SER A 30 7.31 2.38 2.99
CA SER A 30 7.76 1.62 1.82
C SER A 30 6.70 1.36 0.74
N PRO A 31 6.79 2.01 -0.46
CA PRO A 31 5.90 1.72 -1.60
C PRO A 31 5.55 0.24 -1.63
N SER A 32 4.35 -0.06 -1.16
CA SER A 32 3.90 -1.44 -1.00
C SER A 32 2.61 -1.77 -1.72
N TRP A 33 2.17 -3.00 -1.54
CA TRP A 33 0.89 -3.43 -2.05
C TRP A 33 0.06 -3.59 -0.79
N VAL A 34 -0.75 -2.58 -0.51
CA VAL A 34 -1.47 -2.52 0.74
C VAL A 34 -2.78 -1.72 0.63
N PRO A 35 -3.74 -2.04 1.54
CA PRO A 35 -5.12 -1.46 1.60
C PRO A 35 -5.25 0.05 1.79
N SER A 36 -4.20 0.75 2.15
CA SER A 36 -4.34 2.20 2.36
C SER A 36 -3.06 2.89 2.81
N SER A 37 -2.14 2.16 3.42
CA SER A 37 -0.88 2.75 3.86
C SER A 37 0.27 1.79 3.62
N TYR A 38 0.33 0.76 4.44
CA TYR A 38 1.36 -0.25 4.33
C TYR A 38 1.21 -1.27 5.42
N ILE A 39 1.24 -2.54 5.08
CA ILE A 39 1.08 -3.55 6.09
C ILE A 39 1.91 -4.78 5.76
N ALA A 40 2.98 -4.57 5.03
CA ALA A 40 3.80 -5.69 4.67
C ALA A 40 4.42 -6.31 5.91
N ALA A 41 3.68 -7.26 6.49
CA ALA A 41 4.07 -7.98 7.71
C ALA A 41 2.82 -8.44 8.48
N ASP A 42 1.79 -8.85 7.76
CA ASP A 42 0.54 -9.31 8.38
C ASP A 42 -0.12 -8.20 9.21
N VAL A 43 -0.97 -7.40 8.57
CA VAL A 43 -1.69 -6.32 9.26
C VAL A 43 -2.87 -5.85 8.42
N VAL A 44 -3.50 -4.75 8.81
CA VAL A 44 -4.65 -4.24 8.06
C VAL A 44 -4.73 -2.71 8.02
N SER A 45 -4.78 -2.19 6.80
CA SER A 45 -4.90 -0.75 6.57
C SER A 45 -3.81 0.06 7.27
N GLU A 46 -2.74 -0.59 7.72
CA GLU A 46 -1.67 0.12 8.41
C GLU A 46 -0.55 -0.83 8.84
N TYR A 47 0.69 -0.31 8.86
CA TYR A 47 1.85 -1.09 9.24
C TYR A 47 1.93 -1.25 10.75
#